data_5C6M
#
_entry.id   5C6M
#
_cell.length_a   154.030
_cell.length_b   52.510
_cell.length_c   143.210
_cell.angle_alpha   90.000
_cell.angle_beta   122.340
_cell.angle_gamma   90.000
#
_symmetry.space_group_name_H-M   'C 1 2 1'
#
loop_
_entity.id
_entity.type
_entity.pdbx_description
1 polymer 'Deoxyribose-phosphate aldolase'
2 non-polymer 'SODIUM ION'
3 non-polymer 'CHLORIDE ION'
4 water water
#
_entity_poly.entity_id   1
_entity_poly.type   'polypeptide(L)'
_entity_poly.pdbx_seq_one_letter_code
;MSDLKKAAQQAISLMDLTTLNDDDTDQKVIELCHKAKTPAGDTAAICIYPRFIPIARKTLNEIGGDDIKIATVTNFPHGN
DDIAIAVLETRAAVAYGADEVDVVFPYRALMEGNETVGFELVKACKEACGEDTILKVIIESGVLADPALIRKASELSIDA
GADFIKTSTGKVAVNATLEAAEIMMTVISEKNPKVGFKPAGGVKDAAAAAEFLGVAARLLGDDWATPATFRFGASSLLTN
LLHTLELADAPQGAQGYLEHHHHHH
;
_entity_poly.pdbx_strand_id   A,B,C,D
#
# COMPACT_ATOMS: atom_id res chain seq x y z
N MET A 1 13.83 48.50 17.99
CA MET A 1 14.95 48.08 18.84
C MET A 1 15.90 47.18 18.04
N SER A 2 17.20 47.46 18.14
CA SER A 2 18.22 46.81 17.31
C SER A 2 18.20 45.28 17.37
N ASP A 3 18.36 44.71 18.56
CA ASP A 3 18.27 43.25 18.70
C ASP A 3 16.88 42.75 18.32
N LEU A 4 15.87 43.52 18.68
CA LEU A 4 14.49 43.18 18.37
C LEU A 4 14.27 43.24 16.87
N LYS A 5 14.78 44.28 16.21
CA LYS A 5 14.56 44.42 14.77
C LYS A 5 15.30 43.32 14.00
N LYS A 6 16.48 42.95 14.48
CA LYS A 6 17.22 41.84 13.86
C LYS A 6 16.45 40.54 13.99
N ALA A 7 15.87 40.31 15.17
CA ALA A 7 15.04 39.13 15.38
C ALA A 7 13.82 39.15 14.48
N ALA A 8 13.21 40.33 14.33
CA ALA A 8 12.01 40.48 13.50
C ALA A 8 12.33 40.22 12.05
N GLN A 9 13.44 40.77 11.58
CA GLN A 9 13.86 40.56 10.20
C GLN A 9 14.12 39.09 9.92
N GLN A 10 14.84 38.43 10.82
CA GLN A 10 15.14 37.02 10.65
C GLN A 10 13.87 36.18 10.72
N ALA A 11 12.98 36.52 11.64
CA ALA A 11 11.76 35.75 11.80
C ALA A 11 10.91 35.81 10.54
N ILE A 12 10.84 36.97 9.90
CA ILE A 12 10.11 37.06 8.64
C ILE A 12 10.75 36.14 7.59
N SER A 13 12.07 36.15 7.51
N SER A 13 12.07 36.17 7.51
CA SER A 13 12.78 35.35 6.52
CA SER A 13 12.79 35.35 6.53
C SER A 13 12.60 33.85 6.78
C SER A 13 12.57 33.85 6.76
N LEU A 14 12.18 33.50 7.99
CA LEU A 14 11.99 32.10 8.34
C LEU A 14 10.51 31.73 8.47
N MET A 15 9.63 32.64 8.07
CA MET A 15 8.22 32.40 8.34
C MET A 15 7.54 31.47 7.34
N ASP A 16 6.77 30.52 7.87
CA ASP A 16 5.74 29.81 7.11
C ASP A 16 4.44 30.55 7.31
N LEU A 17 4.12 31.47 6.40
CA LEU A 17 2.93 32.31 6.55
C LEU A 17 1.70 31.46 6.29
N THR A 18 0.82 31.36 7.28
CA THR A 18 -0.20 30.32 7.28
C THR A 18 -1.65 30.83 7.26
N THR A 19 -2.50 30.15 6.49
CA THR A 19 -3.94 30.30 6.69
C THR A 19 -4.56 28.92 6.52
N LEU A 20 -5.23 28.49 7.58
CA LEU A 20 -5.88 27.17 7.59
C LEU A 20 -7.22 27.28 8.29
N ASN A 21 -8.21 27.83 7.58
CA ASN A 21 -9.52 28.09 8.15
C ASN A 21 -10.60 27.39 7.35
N ASP A 22 -11.70 27.05 7.99
CA ASP A 22 -12.80 26.37 7.31
C ASP A 22 -13.44 27.23 6.22
N ASP A 23 -13.29 28.55 6.33
CA ASP A 23 -13.91 29.45 5.37
C ASP A 23 -12.91 29.99 4.37
N ASP A 24 -11.74 29.34 4.30
CA ASP A 24 -10.73 29.73 3.30
C ASP A 24 -11.29 29.55 1.90
N THR A 25 -10.81 30.40 1.00
CA THR A 25 -11.23 30.46 -0.39
C THR A 25 -10.00 30.75 -1.27
N ASP A 26 -10.16 30.55 -2.57
CA ASP A 26 -9.12 30.94 -3.52
C ASP A 26 -8.70 32.38 -3.32
N GLN A 27 -9.69 33.26 -3.18
CA GLN A 27 -9.41 34.70 -3.03
C GLN A 27 -8.57 34.99 -1.79
N LYS A 28 -8.89 34.33 -0.68
CA LYS A 28 -8.13 34.54 0.56
C LYS A 28 -6.72 33.99 0.44
N VAL A 29 -6.55 32.90 -0.31
CA VAL A 29 -5.22 32.33 -0.51
C VAL A 29 -4.38 33.21 -1.45
N ILE A 30 -5.00 33.77 -2.47
CA ILE A 30 -4.30 34.71 -3.33
C ILE A 30 -3.81 35.92 -2.52
N GLU A 31 -4.67 36.42 -1.64
N GLU A 31 -4.67 36.44 -1.64
CA GLU A 31 -4.31 37.54 -0.77
CA GLU A 31 -4.26 37.56 -0.79
C GLU A 31 -3.13 37.19 0.13
C GLU A 31 -3.09 37.17 0.12
N LEU A 32 -3.10 35.95 0.61
CA LEU A 32 -1.99 35.46 1.43
C LEU A 32 -0.66 35.40 0.65
N CYS A 33 -0.72 34.98 -0.61
CA CYS A 33 0.44 34.98 -1.48
C CYS A 33 1.06 36.37 -1.60
N HIS A 34 0.21 37.36 -1.84
CA HIS A 34 0.67 38.73 -1.92
C HIS A 34 1.26 39.20 -0.59
N LYS A 35 0.68 38.73 0.51
CA LYS A 35 1.16 39.13 1.84
C LYS A 35 2.53 38.48 2.14
N ALA A 36 2.82 37.35 1.51
CA ALA A 36 4.09 36.66 1.72
C ALA A 36 5.24 37.43 1.07
N LYS A 37 4.90 38.27 0.10
CA LYS A 37 5.86 39.24 -0.44
C LYS A 37 5.86 40.48 0.45
N THR A 38 6.52 40.38 1.60
CA THR A 38 6.41 41.43 2.62
C THR A 38 7.34 42.59 2.28
N PRO A 39 7.06 43.77 2.86
CA PRO A 39 7.98 44.90 2.68
C PRO A 39 9.36 44.64 3.28
N ALA A 40 9.48 43.64 4.14
CA ALA A 40 10.79 43.33 4.73
C ALA A 40 11.47 42.17 4.01
N GLY A 41 10.92 41.78 2.86
CA GLY A 41 11.43 40.64 2.12
C GLY A 41 10.45 39.48 2.12
N ASP A 42 10.72 38.47 1.30
CA ASP A 42 9.84 37.31 1.19
C ASP A 42 9.87 36.43 2.44
N THR A 43 8.72 35.86 2.79
CA THR A 43 8.72 34.79 3.80
C THR A 43 9.36 33.54 3.20
N ALA A 44 9.70 32.57 4.04
CA ALA A 44 10.29 31.33 3.53
C ALA A 44 9.26 30.50 2.77
N ALA A 45 8.02 30.54 3.23
CA ALA A 45 6.96 29.70 2.69
C ALA A 45 5.59 30.24 3.01
N ILE A 46 4.57 29.66 2.38
CA ILE A 46 3.21 29.79 2.88
C ILE A 46 2.72 28.40 3.27
N CYS A 47 1.70 28.36 4.10
CA CYS A 47 1.13 27.07 4.51
C CYS A 47 -0.37 27.13 4.40
N ILE A 48 -0.94 26.27 3.55
CA ILE A 48 -2.35 26.33 3.19
C ILE A 48 -2.90 24.92 3.02
N TYR A 49 -4.22 24.77 2.92
CA TYR A 49 -4.81 23.45 2.70
C TYR A 49 -4.46 22.95 1.28
N PRO A 50 -4.35 21.62 1.12
CA PRO A 50 -3.88 21.02 -0.13
C PRO A 50 -4.62 21.50 -1.38
N ARG A 51 -5.94 21.66 -1.30
CA ARG A 51 -6.71 22.00 -2.49
C ARG A 51 -6.37 23.40 -3.02
N PHE A 52 -5.75 24.23 -2.19
CA PHE A 52 -5.37 25.57 -2.65
C PHE A 52 -3.98 25.63 -3.22
N ILE A 53 -3.25 24.52 -3.20
CA ILE A 53 -1.88 24.54 -3.68
C ILE A 53 -1.74 24.96 -5.17
N PRO A 54 -2.61 24.43 -6.07
CA PRO A 54 -2.42 24.83 -7.47
C PRO A 54 -2.61 26.33 -7.72
N ILE A 55 -3.64 26.96 -7.14
CA ILE A 55 -3.83 28.39 -7.39
C ILE A 55 -2.75 29.20 -6.66
N ALA A 56 -2.31 28.73 -5.50
CA ALA A 56 -1.20 29.41 -4.81
C ALA A 56 0.10 29.38 -5.62
N ARG A 57 0.44 28.25 -6.22
CA ARG A 57 1.68 28.18 -6.97
C ARG A 57 1.61 29.05 -8.21
N LYS A 58 0.47 29.02 -8.87
CA LYS A 58 0.26 29.87 -10.05
C LYS A 58 0.43 31.34 -9.66
N THR A 59 -0.16 31.71 -8.53
CA THR A 59 -0.13 33.10 -8.08
C THR A 59 1.28 33.52 -7.68
N LEU A 60 1.93 32.73 -6.82
CA LEU A 60 3.31 33.04 -6.43
C LEU A 60 4.23 33.18 -7.65
N ASN A 61 4.05 32.31 -8.64
CA ASN A 61 4.92 32.38 -9.81
C ASN A 61 4.60 33.57 -10.73
N GLU A 62 3.45 34.21 -10.52
N GLU A 62 3.46 34.22 -10.53
CA GLU A 62 3.08 35.40 -11.27
CA GLU A 62 3.12 35.41 -11.30
C GLU A 62 3.61 36.67 -10.62
C GLU A 62 3.61 36.69 -10.62
N ILE A 63 3.80 36.63 -9.30
CA ILE A 63 4.07 37.85 -8.53
C ILE A 63 5.48 37.94 -7.93
N GLY A 64 6.41 37.17 -8.46
CA GLY A 64 7.80 37.21 -7.99
C GLY A 64 7.99 36.36 -6.75
N GLY A 65 7.07 35.45 -6.51
CA GLY A 65 7.12 34.55 -5.36
C GLY A 65 7.67 33.17 -5.68
N ASP A 66 8.39 33.07 -6.79
CA ASP A 66 8.87 31.76 -7.26
C ASP A 66 9.66 30.97 -6.20
N ASP A 67 10.41 31.69 -5.35
CA ASP A 67 11.27 31.05 -4.37
C ASP A 67 10.58 30.89 -3.02
N ILE A 68 9.30 31.22 -2.95
CA ILE A 68 8.53 31.03 -1.73
C ILE A 68 7.94 29.64 -1.79
N LYS A 69 8.26 28.81 -0.80
CA LYS A 69 7.80 27.42 -0.80
C LYS A 69 6.34 27.31 -0.44
N ILE A 70 5.68 26.24 -0.89
CA ILE A 70 4.33 25.96 -0.42
C ILE A 70 4.32 24.72 0.48
N ALA A 71 3.90 24.92 1.72
CA ALA A 71 3.72 23.83 2.66
C ALA A 71 2.25 23.57 2.82
N THR A 72 1.90 22.35 3.24
CA THR A 72 0.51 22.07 3.49
C THR A 72 0.43 21.13 4.69
N VAL A 73 -0.78 20.71 5.04
CA VAL A 73 -0.98 19.84 6.22
C VAL A 73 -1.71 18.56 5.85
N THR A 74 -1.36 17.47 6.52
CA THR A 74 -2.10 16.21 6.35
C THR A 74 -2.27 15.52 7.70
N ASN A 75 -3.17 14.54 7.74
CA ASN A 75 -3.59 13.90 8.97
C ASN A 75 -4.03 14.97 9.97
N PHE A 76 -4.66 16.03 9.47
CA PHE A 76 -4.79 17.30 10.19
C PHE A 76 -6.25 17.67 10.44
N PRO A 77 -6.54 18.25 11.63
CA PRO A 77 -5.60 18.48 12.73
C PRO A 77 -5.58 17.33 13.74
N HIS A 78 -6.39 16.30 13.46
CA HIS A 78 -6.71 15.26 14.45
C HIS A 78 -5.52 14.42 14.94
N GLY A 79 -4.54 14.20 14.07
CA GLY A 79 -3.48 13.25 14.38
C GLY A 79 -4.01 11.85 14.67
N ASN A 80 -4.95 11.38 13.86
CA ASN A 80 -5.49 10.04 14.05
C ASN A 80 -4.44 8.99 13.75
N ASP A 81 -4.69 7.75 14.17
CA ASP A 81 -3.67 6.73 13.99
C ASP A 81 -3.97 5.82 12.81
N ASP A 82 -4.68 6.33 11.80
CA ASP A 82 -4.89 5.51 10.60
C ASP A 82 -3.84 5.86 9.57
N ILE A 83 -2.86 4.97 9.41
CA ILE A 83 -1.73 5.26 8.54
C ILE A 83 -2.17 5.39 7.07
N ALA A 84 -3.08 4.52 6.63
CA ALA A 84 -3.50 4.54 5.23
C ALA A 84 -4.07 5.91 4.82
N ILE A 85 -4.90 6.49 5.67
CA ILE A 85 -5.46 7.80 5.39
C ILE A 85 -4.39 8.90 5.37
N ALA A 86 -3.49 8.88 6.33
CA ALA A 86 -2.42 9.87 6.38
C ALA A 86 -1.56 9.79 5.13
N VAL A 87 -1.29 8.57 4.69
CA VAL A 87 -0.49 8.37 3.48
C VAL A 87 -1.22 8.84 2.22
N LEU A 88 -2.50 8.54 2.10
CA LEU A 88 -3.24 9.01 0.92
C LEU A 88 -3.25 10.54 0.82
N GLU A 89 -3.46 11.19 1.97
CA GLU A 89 -3.49 12.64 2.01
C GLU A 89 -2.12 13.20 1.65
N THR A 90 -1.06 12.55 2.12
CA THR A 90 0.29 12.98 1.82
C THR A 90 0.60 12.79 0.31
N ARG A 91 0.22 11.64 -0.24
CA ARG A 91 0.36 11.45 -1.71
C ARG A 91 -0.35 12.54 -2.49
N ALA A 92 -1.56 12.90 -2.06
CA ALA A 92 -2.33 13.92 -2.76
C ALA A 92 -1.64 15.30 -2.66
N ALA A 93 -1.14 15.62 -1.47
CA ALA A 93 -0.40 16.87 -1.25
C ALA A 93 0.78 16.99 -2.21
N VAL A 94 1.51 15.89 -2.35
CA VAL A 94 2.64 15.84 -3.27
C VAL A 94 2.18 16.04 -4.71
N ALA A 95 1.09 15.37 -5.07
CA ALA A 95 0.59 15.49 -6.43
C ALA A 95 0.08 16.90 -6.75
N TYR A 96 -0.49 17.58 -5.76
CA TYR A 96 -0.93 18.96 -5.94
C TYR A 96 0.26 19.89 -6.22
N GLY A 97 1.43 19.50 -5.73
CA GLY A 97 2.64 20.28 -5.94
C GLY A 97 3.26 20.83 -4.66
N ALA A 98 2.87 20.31 -3.50
CA ALA A 98 3.43 20.81 -2.25
C ALA A 98 4.96 20.64 -2.22
N ASP A 99 5.68 21.67 -1.74
CA ASP A 99 7.12 21.54 -1.50
C ASP A 99 7.39 20.85 -0.18
N GLU A 100 6.43 21.01 0.73
CA GLU A 100 6.57 20.54 2.10
C GLU A 100 5.23 20.06 2.61
N VAL A 101 5.24 18.99 3.39
CA VAL A 101 4.02 18.47 4.01
C VAL A 101 4.19 18.40 5.52
N ASP A 102 3.32 19.08 6.28
CA ASP A 102 3.34 19.03 7.74
C ASP A 102 2.29 18.03 8.20
N VAL A 103 2.70 16.85 8.64
CA VAL A 103 1.75 15.79 9.00
C VAL A 103 1.59 15.75 10.52
N VAL A 104 0.39 15.46 11.00
CA VAL A 104 0.21 15.40 12.45
C VAL A 104 0.52 14.00 12.96
N PHE A 105 1.46 13.94 13.88
CA PHE A 105 1.82 12.74 14.65
C PHE A 105 0.61 12.18 15.37
N PRO A 106 0.50 10.84 15.46
CA PRO A 106 -0.60 10.26 16.24
C PRO A 106 -0.33 10.40 17.74
N TYR A 107 -0.51 11.62 18.25
CA TYR A 107 -0.08 11.91 19.61
C TYR A 107 -0.99 11.29 20.68
N ARG A 108 -2.28 11.15 20.39
N ARG A 108 -2.28 11.15 20.39
CA ARG A 108 -3.17 10.48 21.33
CA ARG A 108 -3.18 10.48 21.32
C ARG A 108 -2.77 9.02 21.50
C ARG A 108 -2.79 9.02 21.51
N ALA A 109 -2.37 8.38 20.41
CA ALA A 109 -1.96 6.98 20.48
C ALA A 109 -0.71 6.86 21.36
N LEU A 110 0.20 7.81 21.22
CA LEU A 110 1.41 7.83 22.06
C LEU A 110 1.08 8.03 23.53
N MET A 111 0.16 8.94 23.82
CA MET A 111 -0.26 9.17 25.20
C MET A 111 -0.94 7.93 25.79
N GLU A 112 -1.54 7.11 24.93
CA GLU A 112 -2.11 5.84 25.37
C GLU A 112 -1.06 4.71 25.45
N GLY A 113 0.18 5.02 25.11
CA GLY A 113 1.26 4.06 25.25
C GLY A 113 1.69 3.35 23.97
N ASN A 114 1.17 3.79 22.84
CA ASN A 114 1.52 3.19 21.55
C ASN A 114 2.58 4.02 20.83
N GLU A 115 3.83 3.62 20.96
CA GLU A 115 4.92 4.30 20.27
C GLU A 115 5.03 3.85 18.81
N THR A 116 4.67 2.59 18.59
CA THR A 116 4.81 1.95 17.29
C THR A 116 4.11 2.70 16.17
N VAL A 117 2.86 3.10 16.39
CA VAL A 117 2.09 3.69 15.29
C VAL A 117 2.64 5.08 14.93
N GLY A 118 3.20 5.79 15.90
CA GLY A 118 3.86 7.05 15.61
C GLY A 118 5.01 6.89 14.64
N PHE A 119 5.90 5.95 14.96
CA PHE A 119 7.03 5.66 14.10
C PHE A 119 6.55 5.25 12.71
N GLU A 120 5.60 4.32 12.68
CA GLU A 120 5.20 3.75 11.40
C GLU A 120 4.46 4.75 10.52
N LEU A 121 3.64 5.62 11.11
CA LEU A 121 2.90 6.60 10.34
C LEU A 121 3.82 7.66 9.74
N VAL A 122 4.74 8.19 10.54
CA VAL A 122 5.70 9.16 10.03
C VAL A 122 6.55 8.52 8.93
N LYS A 123 6.96 7.28 9.13
CA LYS A 123 7.83 6.61 8.16
C LYS A 123 7.08 6.43 6.83
N ALA A 124 5.82 6.03 6.92
CA ALA A 124 5.03 5.81 5.72
C ALA A 124 4.77 7.12 5.00
N CYS A 125 4.51 8.18 5.75
CA CYS A 125 4.27 9.47 5.12
C CYS A 125 5.54 10.03 4.48
N LYS A 126 6.70 9.79 5.11
CA LYS A 126 7.98 10.19 4.53
C LYS A 126 8.19 9.49 3.19
N GLU A 127 7.83 8.21 3.12
CA GLU A 127 7.92 7.46 1.86
C GLU A 127 7.03 8.07 0.77
N ALA A 128 5.83 8.47 1.16
CA ALA A 128 4.89 9.14 0.26
C ALA A 128 5.35 10.51 -0.23
N CYS A 129 6.28 11.14 0.49
CA CYS A 129 6.81 12.44 0.08
C CYS A 129 7.77 12.32 -1.09
N GLY A 130 8.27 11.12 -1.34
CA GLY A 130 9.22 10.91 -2.43
C GLY A 130 10.53 11.64 -2.18
N GLU A 131 11.15 12.14 -3.25
CA GLU A 131 12.46 12.76 -3.12
C GLU A 131 12.45 14.28 -3.05
N ASP A 132 11.37 14.90 -3.48
CA ASP A 132 11.38 16.33 -3.73
C ASP A 132 10.47 17.11 -2.81
N THR A 133 9.92 16.43 -1.81
CA THR A 133 9.02 17.04 -0.85
C THR A 133 9.51 16.73 0.56
N ILE A 134 9.75 17.74 1.39
CA ILE A 134 10.18 17.44 2.75
C ILE A 134 8.97 17.25 3.67
N LEU A 135 9.20 16.51 4.76
CA LEU A 135 8.16 16.19 5.71
C LEU A 135 8.42 16.87 7.04
N LYS A 136 7.46 17.68 7.51
CA LYS A 136 7.52 18.19 8.87
C LYS A 136 6.53 17.38 9.71
N VAL A 137 6.91 17.09 10.96
CA VAL A 137 6.01 16.29 11.78
C VAL A 137 5.53 17.12 12.97
N ILE A 138 4.22 17.32 13.02
CA ILE A 138 3.58 18.04 14.12
C ILE A 138 3.34 17.09 15.29
N ILE A 139 4.06 17.27 16.40
CA ILE A 139 3.90 16.35 17.51
C ILE A 139 2.85 16.80 18.53
N GLU A 140 2.34 18.01 18.35
CA GLU A 140 1.33 18.60 19.27
C GLU A 140 1.83 18.57 20.71
N SER A 141 2.98 19.20 20.91
CA SER A 141 3.67 19.18 22.18
C SER A 141 2.86 19.85 23.28
N GLY A 142 1.98 20.77 22.89
CA GLY A 142 1.14 21.45 23.86
C GLY A 142 0.10 20.54 24.50
N VAL A 143 -0.24 19.45 23.81
CA VAL A 143 -1.12 18.43 24.37
C VAL A 143 -0.33 17.28 25.00
N LEU A 144 0.80 16.93 24.38
CA LEU A 144 1.68 15.91 24.98
C LEU A 144 2.08 16.33 26.39
N ALA A 145 2.47 17.60 26.51
CA ALA A 145 2.73 18.28 27.77
C ALA A 145 3.95 17.73 28.53
N ASP A 146 3.97 16.43 28.77
CA ASP A 146 5.05 15.79 29.54
C ASP A 146 6.37 15.83 28.77
N PRO A 147 7.46 16.30 29.41
CA PRO A 147 8.77 16.32 28.76
C PRO A 147 9.19 14.96 28.16
N ALA A 148 8.97 13.87 28.88
CA ALA A 148 9.28 12.54 28.35
C ALA A 148 8.55 12.24 27.03
N LEU A 149 7.28 12.63 26.94
CA LEU A 149 6.49 12.38 25.73
C LEU A 149 6.92 13.28 24.58
N ILE A 150 7.29 14.51 24.91
CA ILE A 150 7.72 15.45 23.89
C ILE A 150 9.04 14.97 23.31
N ARG A 151 9.94 14.52 24.18
CA ARG A 151 11.19 13.92 23.77
C ARG A 151 10.97 12.68 22.90
N LYS A 152 10.06 11.82 23.36
CA LYS A 152 9.84 10.53 22.67
C LYS A 152 9.25 10.74 21.28
N ALA A 153 8.22 11.57 21.17
CA ALA A 153 7.64 11.87 19.86
C ALA A 153 8.69 12.47 18.91
N SER A 154 9.57 13.31 19.46
CA SER A 154 10.63 13.91 18.65
C SER A 154 11.63 12.86 18.16
N GLU A 155 12.04 11.96 19.06
CA GLU A 155 12.97 10.90 18.71
C GLU A 155 12.37 9.93 17.69
N LEU A 156 11.15 9.47 17.96
CA LEU A 156 10.43 8.60 17.03
C LEU A 156 10.31 9.22 15.65
N SER A 157 9.95 10.50 15.61
CA SER A 157 9.71 11.18 14.33
C SER A 157 11.00 11.30 13.55
N ILE A 158 12.08 11.65 14.22
CA ILE A 158 13.37 11.79 13.55
C ILE A 158 13.89 10.43 13.05
N ASP A 159 13.75 9.38 13.86
CA ASP A 159 14.17 8.04 13.42
C ASP A 159 13.35 7.59 12.21
N ALA A 160 12.11 8.05 12.14
CA ALA A 160 11.22 7.68 11.04
C ALA A 160 11.48 8.48 9.77
N GLY A 161 12.38 9.45 9.82
CA GLY A 161 12.77 10.18 8.62
C GLY A 161 12.22 11.60 8.50
N ALA A 162 11.68 12.13 9.59
CA ALA A 162 11.19 13.52 9.58
C ALA A 162 12.28 14.50 9.16
N ASP A 163 11.94 15.46 8.29
CA ASP A 163 12.87 16.53 7.94
C ASP A 163 12.83 17.72 8.89
N PHE A 164 11.67 17.91 9.53
CA PHE A 164 11.42 18.91 10.58
C PHE A 164 10.58 18.26 11.66
N ILE A 165 10.71 18.77 12.88
CA ILE A 165 9.71 18.51 13.89
C ILE A 165 9.11 19.85 14.29
N LYS A 166 7.79 19.83 14.47
CA LYS A 166 6.98 21.03 14.57
C LYS A 166 6.15 20.92 15.82
N THR A 167 6.01 22.01 16.57
CA THR A 167 5.35 21.89 17.87
C THR A 167 3.87 21.59 17.77
N SER A 168 3.13 22.32 16.92
CA SER A 168 1.67 22.41 17.12
C SER A 168 0.87 22.55 15.83
N THR A 169 -0.42 22.22 15.90
CA THR A 169 -1.34 22.41 14.78
C THR A 169 -1.86 23.84 14.72
N GLY A 170 -1.85 24.52 15.85
CA GLY A 170 -2.51 25.81 15.97
C GLY A 170 -3.99 25.68 16.27
N LYS A 171 -4.46 24.44 16.42
N LYS A 171 -4.48 24.45 16.41
CA LYS A 171 -5.89 24.17 16.56
CA LYS A 171 -5.91 24.20 16.56
C LYS A 171 -6.25 23.60 17.93
C LYS A 171 -6.30 23.83 18.00
N VAL A 172 -5.30 23.64 18.85
CA VAL A 172 -5.56 23.24 20.23
C VAL A 172 -5.28 24.39 21.19
N ALA A 173 -5.58 24.18 22.47
CA ALA A 173 -5.49 25.24 23.47
C ALA A 173 -4.06 25.77 23.66
N VAL A 174 -3.08 24.87 23.62
CA VAL A 174 -1.70 25.25 23.85
C VAL A 174 -0.84 24.91 22.65
N ASN A 175 -0.20 25.92 22.09
CA ASN A 175 0.65 25.70 20.92
C ASN A 175 2.13 25.72 21.29
N ALA A 176 2.95 26.48 20.57
CA ALA A 176 4.39 26.44 20.84
C ALA A 176 4.73 27.00 22.22
N THR A 177 5.59 26.29 22.94
CA THR A 177 6.12 26.78 24.21
C THR A 177 7.64 26.70 24.20
N LEU A 178 8.26 27.57 25.00
CA LEU A 178 9.71 27.57 25.10
C LEU A 178 10.25 26.26 25.70
N GLU A 179 9.52 25.68 26.65
CA GLU A 179 9.93 24.38 27.21
C GLU A 179 9.97 23.28 26.15
N ALA A 180 8.96 23.26 25.27
CA ALA A 180 8.92 22.25 24.22
C ALA A 180 10.05 22.48 23.23
N ALA A 181 10.29 23.74 22.90
CA ALA A 181 11.36 24.10 21.98
C ALA A 181 12.71 23.61 22.51
N GLU A 182 12.94 23.81 23.80
CA GLU A 182 14.16 23.33 24.44
C GLU A 182 14.34 21.83 24.25
N ILE A 183 13.29 21.06 24.54
CA ILE A 183 13.37 19.61 24.44
C ILE A 183 13.58 19.15 23.00
N MET A 184 12.81 19.72 22.08
CA MET A 184 12.85 19.30 20.70
C MET A 184 14.18 19.65 20.02
N MET A 185 14.72 20.83 20.27
CA MET A 185 16.00 21.17 19.67
C MET A 185 17.16 20.46 20.37
N THR A 186 16.97 20.07 21.62
CA THR A 186 17.97 19.25 22.29
C THR A 186 18.02 17.87 21.60
N VAL A 187 16.87 17.33 21.26
CA VAL A 187 16.81 16.03 20.58
C VAL A 187 17.44 16.14 19.18
N ILE A 188 17.17 17.25 18.48
CA ILE A 188 17.82 17.51 17.19
C ILE A 188 19.35 17.56 17.32
N SER A 189 19.84 18.29 18.31
CA SER A 189 21.28 18.38 18.54
C SER A 189 21.88 17.00 18.82
N GLU A 190 21.12 16.14 19.49
CA GLU A 190 21.56 14.79 19.82
C GLU A 190 21.61 13.85 18.61
N LYS A 191 20.65 13.98 17.71
CA LYS A 191 20.45 12.97 16.68
C LYS A 191 20.96 13.42 15.30
N ASN A 192 20.55 14.60 14.87
CA ASN A 192 20.83 15.07 13.53
C ASN A 192 20.54 16.56 13.37
N PRO A 193 21.59 17.39 13.44
CA PRO A 193 21.43 18.85 13.29
C PRO A 193 20.92 19.29 11.92
N LYS A 194 20.77 18.37 10.96
CA LYS A 194 20.16 18.72 9.68
C LYS A 194 18.64 18.74 9.77
N VAL A 195 18.10 18.14 10.82
CA VAL A 195 16.67 18.16 11.07
C VAL A 195 16.24 19.54 11.56
N GLY A 196 15.15 20.06 11.01
CA GLY A 196 14.68 21.39 11.35
C GLY A 196 13.68 21.45 12.51
N PHE A 197 13.51 22.66 13.04
CA PHE A 197 12.55 22.90 14.12
C PHE A 197 11.57 23.99 13.70
N LYS A 198 10.30 23.79 14.01
CA LYS A 198 9.28 24.78 13.68
C LYS A 198 8.32 25.00 14.84
N PRO A 199 8.51 26.12 15.58
CA PRO A 199 7.50 26.50 16.56
C PRO A 199 6.30 27.06 15.82
N ALA A 200 5.12 26.56 16.14
CA ALA A 200 3.92 26.97 15.42
C ALA A 200 2.85 27.41 16.40
N GLY A 201 2.22 28.54 16.12
CA GLY A 201 1.20 29.08 16.99
C GLY A 201 1.80 29.63 18.26
N GLY A 202 1.20 30.67 18.82
CA GLY A 202 1.64 31.18 20.10
C GLY A 202 3.02 31.84 20.12
N VAL A 203 3.40 32.43 19.00
CA VAL A 203 4.55 33.32 19.01
C VAL A 203 3.99 34.75 18.90
N LYS A 204 4.01 35.45 20.03
CA LYS A 204 3.31 36.71 20.22
C LYS A 204 3.83 37.85 19.34
N ASP A 205 5.14 38.03 19.34
CA ASP A 205 5.72 39.26 18.83
C ASP A 205 7.21 39.07 18.59
N ALA A 206 7.91 40.16 18.28
CA ALA A 206 9.33 40.06 17.99
C ALA A 206 10.07 39.51 19.21
N ALA A 207 9.72 39.99 20.40
CA ALA A 207 10.40 39.54 21.63
C ALA A 207 10.31 38.02 21.81
N ALA A 208 9.13 37.47 21.55
CA ALA A 208 8.91 36.03 21.68
C ALA A 208 9.67 35.27 20.59
N ALA A 209 9.67 35.82 19.37
CA ALA A 209 10.44 35.22 18.30
C ALA A 209 11.92 35.19 18.67
N ALA A 210 12.38 36.28 19.28
CA ALA A 210 13.77 36.39 19.68
C ALA A 210 14.12 35.31 20.72
N GLU A 211 13.19 35.02 21.62
CA GLU A 211 13.39 33.97 22.63
C GLU A 211 13.55 32.59 22.01
N PHE A 212 12.74 32.28 21.01
CA PHE A 212 12.82 30.98 20.36
C PHE A 212 14.14 30.85 19.58
N LEU A 213 14.53 31.93 18.91
CA LEU A 213 15.78 31.94 18.17
C LEU A 213 16.96 31.87 19.13
N GLY A 214 16.79 32.43 20.31
CA GLY A 214 17.82 32.39 21.34
C GLY A 214 18.03 30.97 21.85
N VAL A 215 16.96 30.20 21.94
CA VAL A 215 17.09 28.80 22.33
C VAL A 215 17.86 28.02 21.26
N ALA A 216 17.52 28.25 20.00
CA ALA A 216 18.22 27.61 18.90
C ALA A 216 19.71 27.95 18.90
N ALA A 217 20.02 29.23 19.11
CA ALA A 217 21.40 29.71 19.11
C ALA A 217 22.21 29.01 20.20
N ARG A 218 21.60 28.86 21.36
CA ARG A 218 22.29 28.26 22.50
C ARG A 218 22.52 26.76 22.32
N LEU A 219 21.51 26.05 21.85
CA LEU A 219 21.57 24.61 21.74
C LEU A 219 22.30 24.12 20.48
N LEU A 220 22.24 24.89 19.40
CA LEU A 220 22.73 24.41 18.11
C LEU A 220 23.73 25.35 17.43
N GLY A 221 23.97 26.51 18.00
CA GLY A 221 24.92 27.45 17.44
C GLY A 221 24.28 28.67 16.83
N ASP A 222 25.02 29.77 16.83
CA ASP A 222 24.53 31.05 16.35
C ASP A 222 24.06 31.03 14.90
N ASP A 223 24.73 30.25 14.08
CA ASP A 223 24.44 30.22 12.65
C ASP A 223 23.54 29.06 12.24
N TRP A 224 23.11 28.25 13.19
CA TRP A 224 22.31 27.06 12.86
C TRP A 224 20.97 27.36 12.18
N ALA A 225 20.20 28.29 12.73
CA ALA A 225 18.86 28.59 12.20
C ALA A 225 18.94 29.23 10.81
N THR A 226 18.34 28.56 9.83
CA THR A 226 18.29 29.02 8.44
C THR A 226 16.93 28.58 7.89
N PRO A 227 16.54 29.03 6.68
CA PRO A 227 15.29 28.48 6.15
C PRO A 227 15.26 26.94 6.07
N ALA A 228 16.41 26.30 5.94
CA ALA A 228 16.46 24.84 5.85
C ALA A 228 16.35 24.14 7.21
N THR A 229 16.45 24.91 8.31
CA THR A 229 16.48 24.31 9.65
C THR A 229 15.50 24.93 10.65
N PHE A 230 14.88 26.05 10.32
CA PHE A 230 14.04 26.74 11.29
C PHE A 230 12.92 27.48 10.57
N ARG A 231 11.68 27.27 11.01
CA ARG A 231 10.56 28.04 10.47
C ARG A 231 9.65 28.52 11.59
N PHE A 232 9.10 29.72 11.46
CA PHE A 232 8.01 30.14 12.34
C PHE A 232 6.68 29.86 11.66
N GLY A 233 5.86 28.98 12.25
CA GLY A 233 4.51 28.77 11.76
C GLY A 233 3.63 29.86 12.34
N ALA A 234 3.12 30.75 11.49
CA ALA A 234 2.41 31.92 11.99
C ALA A 234 1.29 32.40 11.08
N SER A 235 0.14 32.68 11.68
CA SER A 235 -1.01 33.19 10.96
C SER A 235 -1.32 34.63 11.35
N SER A 236 -0.70 35.12 12.43
CA SER A 236 -0.95 36.48 12.87
C SER A 236 0.28 37.15 13.51
N LEU A 237 1.47 36.70 13.13
CA LEU A 237 2.69 37.26 13.68
C LEU A 237 3.27 38.36 12.78
N LEU A 238 3.09 38.20 11.47
CA LEU A 238 3.78 39.07 10.51
C LEU A 238 3.49 40.56 10.72
N THR A 239 2.23 40.94 10.93
CA THR A 239 1.89 42.33 11.10
C THR A 239 2.65 42.96 12.28
N ASN A 240 2.75 42.22 13.37
CA ASN A 240 3.50 42.66 14.54
C ASN A 240 4.98 42.85 14.24
N LEU A 241 5.55 41.90 13.50
CA LEU A 241 6.97 42.01 13.14
C LEU A 241 7.24 43.20 12.23
N LEU A 242 6.34 43.46 11.28
CA LEU A 242 6.50 44.63 10.43
C LEU A 242 6.41 45.93 11.24
N HIS A 243 5.58 45.95 12.28
CA HIS A 243 5.46 47.13 13.13
C HIS A 243 6.73 47.33 13.94
N THR A 244 7.34 46.24 14.39
CA THR A 244 8.63 46.31 15.05
C THR A 244 9.68 46.93 14.13
N LEU A 245 9.63 46.57 12.84
CA LEU A 245 10.57 47.10 11.86
C LEU A 245 10.14 48.47 11.35
N GLU A 246 9.02 48.96 11.88
CA GLU A 246 8.45 50.25 11.50
C GLU A 246 8.13 50.28 10.00
N LEU A 247 7.32 49.31 9.58
CA LEU A 247 6.88 49.17 8.18
C LEU A 247 5.38 48.93 8.09
N ALA A 248 4.94 48.43 6.94
N MET B 1 -45.86 2.32 -9.82
CA MET B 1 -46.09 1.78 -11.16
C MET B 1 -44.91 0.92 -11.61
N SER B 2 -45.20 -0.22 -12.22
CA SER B 2 -44.18 -1.20 -12.57
C SER B 2 -43.13 -0.67 -13.56
N ASP B 3 -43.56 0.08 -14.56
CA ASP B 3 -42.62 0.76 -15.44
C ASP B 3 -41.83 1.78 -14.64
N LEU B 4 -42.53 2.49 -13.75
CA LEU B 4 -41.89 3.50 -12.91
C LEU B 4 -40.97 2.85 -11.89
N LYS B 5 -41.42 1.74 -11.32
CA LYS B 5 -40.62 1.02 -10.33
C LYS B 5 -39.39 0.39 -10.94
N LYS B 6 -39.51 -0.10 -12.16
CA LYS B 6 -38.35 -0.62 -12.87
C LYS B 6 -37.34 0.48 -13.13
N ALA B 7 -37.83 1.66 -13.48
CA ALA B 7 -36.94 2.81 -13.71
C ALA B 7 -36.27 3.25 -12.43
N ALA B 8 -37.02 3.30 -11.34
CA ALA B 8 -36.47 3.71 -10.05
C ALA B 8 -35.35 2.76 -9.61
N GLN B 9 -35.60 1.46 -9.76
CA GLN B 9 -34.62 0.44 -9.42
C GLN B 9 -33.35 0.58 -10.25
N GLN B 10 -33.51 0.74 -11.56
CA GLN B 10 -32.35 0.87 -12.44
C GLN B 10 -31.60 2.15 -12.15
N ALA B 11 -32.34 3.23 -11.86
CA ALA B 11 -31.70 4.51 -11.60
C ALA B 11 -30.84 4.45 -10.33
N ILE B 12 -31.31 3.74 -9.31
CA ILE B 12 -30.51 3.61 -8.08
C ILE B 12 -29.21 2.86 -8.40
N SER B 13 -29.32 1.78 -9.16
N SER B 13 -29.32 1.78 -9.16
CA SER B 13 -28.14 0.99 -9.51
CA SER B 13 -28.14 0.99 -9.52
C SER B 13 -27.15 1.79 -10.35
C SER B 13 -27.16 1.78 -10.39
N LEU B 14 -27.64 2.85 -10.98
CA LEU B 14 -26.80 3.68 -11.84
C LEU B 14 -26.42 5.00 -11.18
N MET B 15 -26.69 5.15 -9.89
CA MET B 15 -26.54 6.47 -9.29
C MET B 15 -25.13 6.76 -8.78
N ASP B 16 -24.64 7.97 -9.10
CA ASP B 16 -23.50 8.60 -8.43
C ASP B 16 -24.08 9.48 -7.33
N LEU B 17 -24.20 8.94 -6.12
CA LEU B 17 -24.83 9.66 -5.03
C LEU B 17 -23.88 10.74 -4.57
N THR B 18 -24.33 11.99 -4.58
CA THR B 18 -23.41 13.11 -4.55
C THR B 18 -23.64 14.05 -3.37
N THR B 19 -22.55 14.52 -2.76
CA THR B 19 -22.63 15.67 -1.88
C THR B 19 -21.40 16.53 -2.18
N LEU B 20 -21.66 17.76 -2.59
CA LEU B 20 -20.61 18.70 -2.95
C LEU B 20 -20.95 20.08 -2.40
N ASN B 21 -20.82 20.24 -1.08
CA ASN B 21 -21.23 21.47 -0.42
C ASN B 21 -20.06 22.11 0.31
N ASP B 22 -20.09 23.44 0.44
CA ASP B 22 -19.05 24.17 1.15
C ASP B 22 -18.93 23.75 2.62
N ASP B 23 -20.03 23.26 3.19
CA ASP B 23 -19.99 22.93 4.61
C ASP B 23 -19.96 21.42 4.83
N ASP B 24 -19.58 20.67 3.80
CA ASP B 24 -19.37 19.23 3.96
C ASP B 24 -18.26 18.92 4.98
N THR B 25 -18.40 17.77 5.63
CA THR B 25 -17.53 17.35 6.72
C THR B 25 -17.31 15.84 6.60
N ASP B 26 -16.30 15.33 7.29
CA ASP B 26 -16.12 13.89 7.35
C ASP B 26 -17.41 13.18 7.79
N GLN B 27 -18.05 13.71 8.85
N GLN B 27 -18.07 13.70 8.82
CA GLN B 27 -19.30 13.16 9.37
CA GLN B 27 -19.27 13.02 9.32
C GLN B 27 -20.37 13.02 8.29
C GLN B 27 -20.44 13.03 8.32
N LYS B 28 -20.56 14.09 7.53
CA LYS B 28 -21.57 14.10 6.48
C LYS B 28 -21.22 13.12 5.36
N VAL B 29 -19.93 13.00 5.04
CA VAL B 29 -19.51 12.07 4.00
C VAL B 29 -19.71 10.62 4.48
N ILE B 30 -19.40 10.36 5.75
CA ILE B 30 -19.65 9.03 6.33
C ILE B 30 -21.14 8.67 6.23
N GLU B 31 -22.01 9.61 6.58
CA GLU B 31 -23.45 9.39 6.45
C GLU B 31 -23.84 9.11 5.01
N LEU B 32 -23.22 9.81 4.07
CA LEU B 32 -23.49 9.55 2.65
C LEU B 32 -23.07 8.15 2.22
N CYS B 33 -21.94 7.68 2.74
CA CYS B 33 -21.50 6.30 2.48
C CYS B 33 -22.56 5.30 2.92
N HIS B 34 -23.11 5.48 4.11
CA HIS B 34 -24.17 4.60 4.59
C HIS B 34 -25.42 4.71 3.70
N LYS B 35 -25.72 5.91 3.23
CA LYS B 35 -26.90 6.15 2.39
C LYS B 35 -26.76 5.45 1.04
N ALA B 36 -25.52 5.29 0.58
CA ALA B 36 -25.21 4.62 -0.68
C ALA B 36 -25.55 3.13 -0.63
N LYS B 37 -25.56 2.58 0.58
CA LYS B 37 -26.00 1.21 0.77
C LYS B 37 -27.51 1.27 0.93
N THR B 38 -28.23 1.43 -0.17
CA THR B 38 -29.66 1.70 -0.08
C THR B 38 -30.47 0.43 0.16
N PRO B 39 -31.69 0.58 0.69
CA PRO B 39 -32.61 -0.56 0.83
C PRO B 39 -32.94 -1.27 -0.48
N ALA B 40 -32.67 -0.64 -1.61
CA ALA B 40 -32.96 -1.23 -2.92
C ALA B 40 -31.69 -1.71 -3.62
N GLY B 41 -30.58 -1.80 -2.88
CA GLY B 41 -29.30 -2.20 -3.44
C GLY B 41 -28.30 -1.04 -3.42
N ASP B 42 -27.03 -1.34 -3.67
CA ASP B 42 -26.00 -0.29 -3.64
C ASP B 42 -26.14 0.62 -4.84
N THR B 43 -25.78 1.89 -4.66
CA THR B 43 -25.61 2.79 -5.79
C THR B 43 -24.33 2.40 -6.54
N ALA B 44 -24.15 2.93 -7.75
CA ALA B 44 -22.95 2.65 -8.53
C ALA B 44 -21.72 3.28 -7.87
N ALA B 45 -21.92 4.47 -7.31
CA ALA B 45 -20.82 5.28 -6.82
C ALA B 45 -21.30 6.33 -5.82
N ILE B 46 -20.35 6.98 -5.18
CA ILE B 46 -20.63 8.25 -4.52
C ILE B 46 -19.73 9.30 -5.18
N CYS B 47 -20.08 10.57 -5.01
CA CYS B 47 -19.29 11.67 -5.59
C CYS B 47 -19.12 12.74 -4.55
N ILE B 48 -17.86 13.03 -4.23
CA ILE B 48 -17.52 13.89 -3.10
C ILE B 48 -16.28 14.70 -3.45
N TYR B 49 -15.99 15.73 -2.67
CA TYR B 49 -14.76 16.50 -2.90
C TYR B 49 -13.52 15.64 -2.58
N PRO B 50 -12.40 15.88 -3.28
CA PRO B 50 -11.18 15.06 -3.16
C PRO B 50 -10.71 14.79 -1.73
N ARG B 51 -10.73 15.80 -0.85
CA ARG B 51 -10.16 15.64 0.48
C ARG B 51 -10.96 14.65 1.32
N PHE B 52 -12.17 14.32 0.88
CA PHE B 52 -12.97 13.35 1.65
C PHE B 52 -12.83 11.93 1.12
N ILE B 53 -12.06 11.75 0.05
CA ILE B 53 -11.91 10.40 -0.51
C ILE B 53 -11.27 9.39 0.48
N PRO B 54 -10.22 9.78 1.24
CA PRO B 54 -9.69 8.74 2.13
C PRO B 54 -10.67 8.26 3.18
N ILE B 55 -11.44 9.16 3.82
CA ILE B 55 -12.35 8.65 4.86
C ILE B 55 -13.52 7.91 4.21
N ALA B 56 -13.92 8.34 3.02
CA ALA B 56 -15.00 7.65 2.31
C ALA B 56 -14.56 6.23 1.92
N ARG B 57 -13.33 6.05 1.45
CA ARG B 57 -12.88 4.72 1.06
C ARG B 57 -12.77 3.83 2.29
N LYS B 58 -12.27 4.38 3.38
CA LYS B 58 -12.19 3.62 4.63
C LYS B 58 -13.58 3.18 5.06
N THR B 59 -14.53 4.09 4.95
CA THR B 59 -15.88 3.82 5.45
C THR B 59 -16.59 2.80 4.58
N LEU B 60 -16.57 3.01 3.27
CA LEU B 60 -17.18 2.05 2.35
C LEU B 60 -16.60 0.65 2.52
N ASN B 61 -15.28 0.55 2.71
CA ASN B 61 -14.66 -0.76 2.86
C ASN B 61 -14.96 -1.43 4.21
N GLU B 62 -15.54 -0.68 5.14
N GLU B 62 -15.54 -0.67 5.12
CA GLU B 62 -15.94 -1.24 6.42
CA GLU B 62 -15.93 -1.19 6.44
C GLU B 62 -17.38 -1.73 6.40
C GLU B 62 -17.40 -1.63 6.47
N ILE B 63 -18.21 -1.08 5.57
CA ILE B 63 -19.65 -1.30 5.66
C ILE B 63 -20.27 -2.08 4.47
N GLY B 64 -19.43 -2.81 3.73
CA GLY B 64 -19.97 -3.63 2.65
C GLY B 64 -20.08 -2.85 1.35
N GLY B 65 -19.39 -1.72 1.29
CA GLY B 65 -19.42 -0.84 0.12
C GLY B 65 -18.18 -0.96 -0.75
N ASP B 66 -17.50 -2.10 -0.68
CA ASP B 66 -16.23 -2.26 -1.40
C ASP B 66 -16.38 -2.05 -2.90
N ASP B 67 -17.55 -2.38 -3.46
CA ASP B 67 -17.78 -2.23 -4.89
C ASP B 67 -18.50 -0.94 -5.27
N ILE B 68 -18.69 -0.05 -4.30
CA ILE B 68 -19.22 1.27 -4.59
C ILE B 68 -18.03 2.15 -4.96
N LYS B 69 -18.04 2.71 -6.17
CA LYS B 69 -16.92 3.52 -6.67
C LYS B 69 -16.93 4.90 -6.06
N ILE B 70 -15.76 5.54 -5.99
CA ILE B 70 -15.68 6.90 -5.51
C ILE B 70 -15.29 7.81 -6.66
N ALA B 71 -16.20 8.72 -6.98
CA ALA B 71 -15.95 9.73 -7.98
C ALA B 71 -15.67 11.05 -7.27
N THR B 72 -14.93 11.92 -7.94
CA THR B 72 -14.72 13.23 -7.38
C THR B 72 -14.71 14.24 -8.53
N VAL B 73 -14.49 15.51 -8.21
CA VAL B 73 -14.53 16.58 -9.21
C VAL B 73 -13.24 17.39 -9.22
N THR B 74 -12.87 17.86 -10.41
CA THR B 74 -11.70 18.75 -10.55
C THR B 74 -12.00 19.87 -11.56
N ASN B 75 -11.15 20.89 -11.55
CA ASN B 75 -11.41 22.12 -12.33
C ASN B 75 -12.81 22.65 -12.04
N PHE B 76 -13.24 22.51 -10.79
CA PHE B 76 -14.65 22.55 -10.42
C PHE B 76 -14.96 23.70 -9.47
N PRO B 77 -16.11 24.39 -9.67
CA PRO B 77 -17.10 24.19 -10.73
C PRO B 77 -16.84 25.10 -11.91
N HIS B 78 -15.79 25.91 -11.82
CA HIS B 78 -15.56 27.03 -12.74
C HIS B 78 -15.31 26.64 -14.19
N GLY B 79 -14.70 25.49 -14.44
CA GLY B 79 -14.28 25.17 -15.80
C GLY B 79 -13.34 26.22 -16.37
N ASN B 80 -12.36 26.65 -15.57
CA ASN B 80 -11.36 27.60 -16.07
C ASN B 80 -10.50 26.95 -17.14
N ASP B 81 -9.77 27.77 -17.90
CA ASP B 81 -9.00 27.21 -19.00
C ASP B 81 -7.50 27.09 -18.69
N ASP B 82 -7.15 26.92 -17.43
CA ASP B 82 -5.76 26.67 -17.07
C ASP B 82 -5.53 25.17 -16.98
N ILE B 83 -4.86 24.62 -17.99
CA ILE B 83 -4.67 23.19 -18.07
C ILE B 83 -3.80 22.66 -16.93
N ALA B 84 -2.74 23.39 -16.61
CA ALA B 84 -1.84 23.01 -15.53
C ALA B 84 -2.60 22.79 -14.22
N ILE B 85 -3.47 23.72 -13.86
CA ILE B 85 -4.24 23.59 -12.62
C ILE B 85 -5.21 22.39 -12.65
N ALA B 86 -5.93 22.23 -13.76
CA ALA B 86 -6.83 21.07 -13.89
C ALA B 86 -6.04 19.76 -13.77
N VAL B 87 -4.86 19.71 -14.38
CA VAL B 87 -4.04 18.51 -14.30
C VAL B 87 -3.54 18.23 -12.87
N LEU B 88 -3.05 19.25 -12.19
CA LEU B 88 -2.62 19.06 -10.80
C LEU B 88 -3.76 18.53 -9.92
N GLU B 89 -4.95 19.08 -10.07
CA GLU B 89 -6.08 18.65 -9.26
C GLU B 89 -6.45 17.22 -9.60
N THR B 90 -6.38 16.87 -10.89
CA THR B 90 -6.67 15.50 -11.30
C THR B 90 -5.62 14.52 -10.76
N ARG B 91 -4.35 14.89 -10.82
CA ARG B 91 -3.30 14.05 -10.22
C ARG B 91 -3.54 13.85 -8.74
N ALA B 92 -3.95 14.90 -8.03
CA ALA B 92 -4.24 14.76 -6.59
C ALA B 92 -5.44 13.84 -6.36
N ALA B 93 -6.47 13.97 -7.18
CA ALA B 93 -7.66 13.11 -7.04
C ALA B 93 -7.28 11.65 -7.19
N VAL B 94 -6.43 11.35 -8.18
CA VAL B 94 -5.94 9.99 -8.39
C VAL B 94 -5.15 9.50 -7.17
N ALA B 95 -4.27 10.35 -6.65
CA ALA B 95 -3.45 10.05 -5.47
C ALA B 95 -4.27 9.79 -4.21
N TYR B 96 -5.38 10.52 -4.04
CA TYR B 96 -6.30 10.29 -2.93
C TYR B 96 -6.94 8.89 -3.02
N GLY B 97 -7.00 8.36 -4.24
CA GLY B 97 -7.61 7.07 -4.48
C GLY B 97 -8.93 7.09 -5.24
N ALA B 98 -9.23 8.21 -5.91
CA ALA B 98 -10.48 8.28 -6.68
C ALA B 98 -10.55 7.17 -7.72
N ASP B 99 -11.71 6.54 -7.87
CA ASP B 99 -11.91 5.60 -8.97
C ASP B 99 -12.24 6.34 -10.26
N GLU B 100 -12.90 7.48 -10.10
CA GLU B 100 -13.38 8.30 -11.21
C GLU B 100 -13.16 9.76 -10.91
N VAL B 101 -12.82 10.52 -11.95
CA VAL B 101 -12.69 11.97 -11.83
C VAL B 101 -13.62 12.64 -12.82
N ASP B 102 -14.48 13.54 -12.31
CA ASP B 102 -15.36 14.33 -13.16
C ASP B 102 -14.77 15.73 -13.32
N VAL B 103 -14.18 16.04 -14.47
CA VAL B 103 -13.50 17.33 -14.68
C VAL B 103 -14.40 18.32 -15.43
N VAL B 104 -14.34 19.60 -15.12
CA VAL B 104 -15.16 20.55 -15.85
C VAL B 104 -14.43 21.07 -17.10
N PHE B 105 -15.08 20.85 -18.25
CA PHE B 105 -14.68 21.35 -19.56
C PHE B 105 -14.57 22.87 -19.52
N PRO B 106 -13.58 23.45 -20.21
CA PRO B 106 -13.52 24.91 -20.25
C PRO B 106 -14.58 25.48 -21.20
N TYR B 107 -15.81 25.47 -20.72
CA TYR B 107 -16.94 25.81 -21.59
C TYR B 107 -17.00 27.29 -21.96
N ARG B 108 -16.54 28.18 -21.07
N ARG B 108 -16.54 28.18 -21.08
CA ARG B 108 -16.48 29.61 -21.40
CA ARG B 108 -16.50 29.61 -21.42
C ARG B 108 -15.53 29.87 -22.56
C ARG B 108 -15.52 29.89 -22.55
N ALA B 109 -14.41 29.15 -22.57
CA ALA B 109 -13.44 29.29 -23.64
C ALA B 109 -14.05 28.85 -24.97
N LEU B 110 -14.78 27.73 -24.94
CA LEU B 110 -15.45 27.23 -26.16
C LEU B 110 -16.45 28.26 -26.67
N MET B 111 -17.17 28.87 -25.74
CA MET B 111 -18.18 29.86 -26.10
C MET B 111 -17.56 31.11 -26.72
N GLU B 112 -16.30 31.38 -26.38
CA GLU B 112 -15.55 32.49 -26.98
C GLU B 112 -14.88 32.09 -28.30
N GLY B 113 -14.94 30.81 -28.65
CA GLY B 113 -14.42 30.34 -29.92
C GLY B 113 -13.17 29.48 -29.86
N ASN B 114 -12.66 29.26 -28.65
CA ASN B 114 -11.45 28.46 -28.47
C ASN B 114 -11.82 26.99 -28.25
N GLU B 115 -11.64 26.18 -29.28
CA GLU B 115 -11.97 24.76 -29.20
C GLU B 115 -10.75 23.97 -28.76
N THR B 116 -9.57 24.50 -29.07
CA THR B 116 -8.30 23.86 -28.76
C THR B 116 -8.09 23.62 -27.28
N VAL B 117 -8.36 24.63 -26.45
CA VAL B 117 -8.01 24.50 -25.04
C VAL B 117 -8.90 23.45 -24.37
N GLY B 118 -10.13 23.27 -24.85
CA GLY B 118 -11.02 22.24 -24.32
C GLY B 118 -10.50 20.84 -24.61
N PHE B 119 -10.11 20.63 -25.86
CA PHE B 119 -9.52 19.37 -26.29
C PHE B 119 -8.24 19.07 -25.51
N GLU B 120 -7.36 20.05 -25.41
CA GLU B 120 -6.07 19.83 -24.77
C GLU B 120 -6.22 19.58 -23.26
N LEU B 121 -7.16 20.27 -22.63
CA LEU B 121 -7.40 20.11 -21.19
C LEU B 121 -7.93 18.71 -20.86
N VAL B 122 -8.91 18.24 -21.63
CA VAL B 122 -9.43 16.90 -21.43
C VAL B 122 -8.36 15.85 -21.69
N LYS B 123 -7.60 16.05 -22.77
CA LYS B 123 -6.52 15.14 -23.10
C LYS B 123 -5.48 15.06 -21.97
N ALA B 124 -5.10 16.22 -21.45
CA ALA B 124 -4.12 16.28 -20.36
C ALA B 124 -4.64 15.63 -19.08
N CYS B 125 -5.89 15.88 -18.74
CA CYS B 125 -6.47 15.25 -17.55
C CYS B 125 -6.65 13.75 -17.71
N LYS B 126 -6.93 13.28 -18.93
CA LYS B 126 -7.07 11.83 -19.15
C LYS B 126 -5.73 11.15 -18.97
N GLU B 127 -4.66 11.84 -19.39
CA GLU B 127 -3.31 11.33 -19.22
C GLU B 127 -2.98 11.19 -17.73
N ALA B 128 -3.42 12.16 -16.94
CA ALA B 128 -3.21 12.14 -15.49
C ALA B 128 -3.98 10.99 -14.82
N CYS B 129 -5.13 10.64 -15.39
CA CYS B 129 -5.93 9.53 -14.90
C CYS B 129 -5.31 8.17 -15.21
N GLY B 130 -4.78 8.03 -16.42
CA GLY B 130 -4.29 6.76 -16.89
C GLY B 130 -5.41 5.86 -17.37
N GLU B 131 -5.05 4.65 -17.79
CA GLU B 131 -6.01 3.67 -18.29
C GLU B 131 -7.00 3.21 -17.21
N ASP B 132 -6.59 3.29 -15.95
CA ASP B 132 -7.34 2.66 -14.87
C ASP B 132 -8.15 3.59 -13.97
N THR B 133 -8.21 4.88 -14.31
CA THR B 133 -9.11 5.81 -13.64
C THR B 133 -10.06 6.37 -14.69
N ILE B 134 -11.36 6.35 -14.40
CA ILE B 134 -12.38 6.89 -15.31
C ILE B 134 -12.35 8.41 -15.32
N LEU B 135 -12.38 9.02 -16.50
CA LEU B 135 -12.54 10.47 -16.59
C LEU B 135 -13.89 10.84 -17.17
N LYS B 136 -14.71 11.54 -16.38
CA LYS B 136 -15.95 12.08 -16.91
C LYS B 136 -15.72 13.56 -17.20
N VAL B 137 -16.27 14.06 -18.29
CA VAL B 137 -16.07 15.48 -18.62
C VAL B 137 -17.39 16.22 -18.54
N ILE B 138 -17.47 17.18 -17.62
CA ILE B 138 -18.66 18.01 -17.43
C ILE B 138 -18.65 19.13 -18.46
N ILE B 139 -19.59 19.14 -19.41
CA ILE B 139 -19.53 20.18 -20.43
C ILE B 139 -20.36 21.40 -20.10
N GLU B 140 -21.13 21.32 -19.01
CA GLU B 140 -22.04 22.40 -18.57
C GLU B 140 -22.99 22.78 -19.70
N SER B 141 -23.76 21.80 -20.17
CA SER B 141 -24.68 22.00 -21.28
C SER B 141 -25.75 23.07 -21.00
N GLY B 142 -26.10 23.23 -19.72
CA GLY B 142 -27.08 24.23 -19.31
C GLY B 142 -26.62 25.66 -19.57
N VAL B 143 -25.31 25.86 -19.61
CA VAL B 143 -24.75 27.17 -19.92
C VAL B 143 -24.40 27.28 -21.40
N LEU B 144 -23.84 26.21 -21.96
CA LEU B 144 -23.58 26.18 -23.41
C LEU B 144 -24.86 26.54 -24.16
N ALA B 145 -25.95 25.87 -23.77
CA ALA B 145 -27.31 26.16 -24.20
C ALA B 145 -27.57 25.85 -25.69
N ASP B 146 -26.72 26.39 -26.56
CA ASP B 146 -26.82 26.19 -28.00
C ASP B 146 -26.52 24.74 -28.39
N PRO B 147 -27.42 24.10 -29.16
CA PRO B 147 -27.20 22.71 -29.60
C PRO B 147 -25.86 22.45 -30.29
N ALA B 148 -25.40 23.38 -31.12
CA ALA B 148 -24.12 23.22 -31.81
C ALA B 148 -22.93 23.19 -30.84
N LEU B 149 -23.02 23.99 -29.77
CA LEU B 149 -21.97 24.04 -28.76
C LEU B 149 -21.97 22.82 -27.88
N ILE B 150 -23.16 22.36 -27.53
CA ILE B 150 -23.32 21.11 -26.79
C ILE B 150 -22.71 19.96 -27.59
N ARG B 151 -23.07 19.89 -28.86
CA ARG B 151 -22.51 18.87 -29.74
C ARG B 151 -20.99 18.99 -29.85
N LYS B 152 -20.49 20.22 -29.97
CA LYS B 152 -19.05 20.39 -30.20
C LYS B 152 -18.27 20.01 -28.94
N ALA B 153 -18.77 20.42 -27.77
CA ALA B 153 -18.11 20.09 -26.51
C ALA B 153 -18.04 18.59 -26.32
N SER B 154 -19.11 17.91 -26.74
CA SER B 154 -19.18 16.46 -26.64
C SER B 154 -18.19 15.78 -27.57
N GLU B 155 -18.10 16.27 -28.80
CA GLU B 155 -17.16 15.72 -29.78
C GLU B 155 -15.71 15.91 -29.33
N LEU B 156 -15.37 17.14 -28.94
CA LEU B 156 -14.02 17.42 -28.45
C LEU B 156 -13.64 16.52 -27.27
N SER B 157 -14.57 16.32 -26.34
CA SER B 157 -14.29 15.56 -25.13
C SER B 157 -14.03 14.10 -25.47
N ILE B 158 -14.85 13.54 -26.34
CA ILE B 158 -14.67 12.14 -26.73
C ILE B 158 -13.37 11.94 -27.51
N ASP B 159 -13.08 12.83 -28.46
CA ASP B 159 -11.84 12.72 -29.22
C ASP B 159 -10.62 12.87 -28.32
N ALA B 160 -10.74 13.63 -27.24
CA ALA B 160 -9.64 13.84 -26.31
C ALA B 160 -9.49 12.69 -25.30
N GLY B 161 -10.43 11.76 -25.32
CA GLY B 161 -10.31 10.55 -24.52
C GLY B 161 -11.22 10.44 -23.31
N ALA B 162 -12.26 11.26 -23.24
CA ALA B 162 -13.23 11.17 -22.16
C ALA B 162 -13.85 9.78 -22.10
N ASP B 163 -14.06 9.27 -20.89
CA ASP B 163 -14.73 7.99 -20.70
C ASP B 163 -16.23 8.17 -20.57
N PHE B 164 -16.63 9.35 -20.11
CA PHE B 164 -18.02 9.75 -19.92
C PHE B 164 -18.15 11.20 -20.31
N ILE B 165 -19.29 11.61 -20.85
CA ILE B 165 -19.59 13.03 -20.91
C ILE B 165 -20.80 13.28 -20.01
N LYS B 166 -20.70 14.36 -19.23
CA LYS B 166 -21.62 14.65 -18.14
C LYS B 166 -22.22 16.03 -18.37
N THR B 167 -23.52 16.18 -18.11
CA THR B 167 -24.19 17.44 -18.48
C THR B 167 -23.73 18.64 -17.66
N SER B 168 -23.62 18.51 -16.34
CA SER B 168 -23.62 19.69 -15.49
C SER B 168 -22.83 19.55 -14.21
N THR B 169 -22.46 20.68 -13.62
CA THR B 169 -21.83 20.71 -12.30
C THR B 169 -22.84 20.64 -11.16
N GLY B 170 -24.08 21.00 -11.46
CA GLY B 170 -25.07 21.22 -10.41
C GLY B 170 -24.93 22.56 -9.69
N LYS B 171 -24.04 23.42 -10.18
CA LYS B 171 -23.76 24.67 -9.49
C LYS B 171 -24.27 25.88 -10.25
N VAL B 172 -24.86 25.63 -11.41
CA VAL B 172 -25.43 26.70 -12.23
C VAL B 172 -26.95 26.60 -12.32
N ALA B 173 -27.57 27.59 -12.96
CA ALA B 173 -29.02 27.72 -13.00
C ALA B 173 -29.72 26.55 -13.69
N VAL B 174 -29.11 26.05 -14.76
CA VAL B 174 -29.71 24.98 -15.56
C VAL B 174 -28.79 23.79 -15.62
N ASN B 175 -29.29 22.63 -15.21
CA ASN B 175 -28.48 21.43 -15.18
C ASN B 175 -28.92 20.46 -16.26
N ALA B 176 -29.09 19.18 -15.96
CA ALA B 176 -29.40 18.23 -17.03
C ALA B 176 -30.75 18.52 -17.68
N THR B 177 -30.78 18.48 -19.01
CA THR B 177 -32.04 18.57 -19.74
C THR B 177 -32.15 17.43 -20.74
N LEU B 178 -33.38 17.11 -21.13
CA LEU B 178 -33.61 16.08 -22.13
C LEU B 178 -33.02 16.50 -23.48
N GLU B 179 -33.11 17.78 -23.81
CA GLU B 179 -32.53 18.32 -25.03
C GLU B 179 -31.03 18.07 -25.11
N ALA B 180 -30.33 18.31 -24.00
CA ALA B 180 -28.90 18.04 -23.95
C ALA B 180 -28.62 16.55 -24.05
N ALA B 181 -29.43 15.73 -23.36
CA ALA B 181 -29.26 14.29 -23.41
C ALA B 181 -29.39 13.75 -24.83
N GLU B 182 -30.37 14.25 -25.56
CA GLU B 182 -30.58 13.84 -26.94
C GLU B 182 -29.31 14.09 -27.76
N ILE B 183 -28.78 15.30 -27.68
CA ILE B 183 -27.58 15.68 -28.43
C ILE B 183 -26.36 14.83 -28.02
N MET B 184 -26.11 14.78 -26.71
CA MET B 184 -24.90 14.12 -26.21
C MET B 184 -24.90 12.61 -26.50
N MET B 185 -26.03 11.94 -26.32
CA MET B 185 -26.04 10.51 -26.63
C MET B 185 -26.07 10.25 -28.13
N THR B 186 -26.55 11.22 -28.90
CA THR B 186 -26.47 11.08 -30.36
C THR B 186 -24.98 11.11 -30.76
N VAL B 187 -24.24 12.05 -30.20
CA VAL B 187 -22.80 12.13 -30.45
C VAL B 187 -22.10 10.85 -30.01
N ILE B 188 -22.46 10.34 -28.84
CA ILE B 188 -21.92 9.05 -28.39
C ILE B 188 -22.19 7.95 -29.43
N SER B 189 -23.43 7.85 -29.88
CA SER B 189 -23.79 6.84 -30.87
C SER B 189 -22.98 6.98 -32.16
N GLU B 190 -22.67 8.23 -32.53
CA GLU B 190 -21.91 8.51 -33.75
C GLU B 190 -20.42 8.18 -33.64
N LYS B 191 -19.85 8.42 -32.47
CA LYS B 191 -18.40 8.36 -32.32
C LYS B 191 -17.90 7.09 -31.62
N ASN B 192 -18.52 6.73 -30.50
CA ASN B 192 -18.04 5.63 -29.68
C ASN B 192 -19.04 5.26 -28.60
N PRO B 193 -19.80 4.16 -28.81
CA PRO B 193 -20.81 3.74 -27.84
C PRO B 193 -20.22 3.19 -26.54
N LYS B 194 -18.89 3.16 -26.42
CA LYS B 194 -18.24 2.78 -25.17
C LYS B 194 -18.23 3.96 -24.22
N VAL B 195 -18.39 5.16 -24.77
CA VAL B 195 -18.42 6.36 -23.95
C VAL B 195 -19.74 6.45 -23.20
N GLY B 196 -19.68 6.73 -21.90
CA GLY B 196 -20.88 6.84 -21.11
C GLY B 196 -21.49 8.24 -21.05
N PHE B 197 -22.73 8.29 -20.60
CA PHE B 197 -23.47 9.53 -20.44
C PHE B 197 -23.88 9.68 -18.96
N LYS B 198 -23.76 10.89 -18.44
CA LYS B 198 -24.18 11.16 -17.07
C LYS B 198 -24.99 12.45 -16.97
N PRO B 199 -26.32 12.32 -16.88
CA PRO B 199 -27.14 13.49 -16.59
C PRO B 199 -26.98 13.83 -15.11
N ALA B 200 -26.65 15.08 -14.82
CA ALA B 200 -26.41 15.47 -13.43
C ALA B 200 -27.23 16.71 -13.11
N GLY B 201 -27.92 16.66 -11.97
N GLY B 201 -27.86 16.68 -11.92
CA GLY B 201 -28.92 17.66 -11.65
CA GLY B 201 -28.54 17.86 -11.40
C GLY B 201 -30.15 17.46 -12.53
C GLY B 201 -29.98 18.00 -11.86
N GLY B 202 -31.23 18.18 -12.22
N GLY B 202 -30.85 18.38 -10.92
CA GLY B 202 -32.40 18.21 -13.09
CA GLY B 202 -32.23 18.71 -11.24
C GLY B 202 -33.18 16.91 -13.20
C GLY B 202 -33.17 17.55 -11.51
N VAL B 203 -32.89 15.95 -12.33
N VAL B 203 -32.63 16.35 -11.74
CA VAL B 203 -33.66 14.71 -12.33
CA VAL B 203 -33.46 15.19 -12.07
C VAL B 203 -34.51 14.65 -11.06
C VAL B 203 -34.44 14.90 -10.93
N LYS B 204 -35.72 15.17 -11.18
CA LYS B 204 -36.70 15.26 -10.09
C LYS B 204 -37.06 13.93 -9.40
N ASP B 205 -37.62 13.01 -10.18
CA ASP B 205 -38.24 11.84 -9.62
C ASP B 205 -38.04 10.64 -10.53
N ALA B 206 -38.75 9.56 -10.26
CA ALA B 206 -38.63 8.36 -11.07
C ALA B 206 -39.08 8.62 -12.51
N ALA B 207 -40.13 9.42 -12.67
CA ALA B 207 -40.66 9.74 -14.00
C ALA B 207 -39.60 10.44 -14.85
N ALA B 208 -38.92 11.41 -14.25
CA ALA B 208 -37.84 12.11 -14.96
C ALA B 208 -36.70 11.14 -15.25
N ALA B 209 -36.36 10.30 -14.28
CA ALA B 209 -35.31 9.30 -14.48
C ALA B 209 -35.64 8.37 -15.65
N ALA B 210 -36.90 7.93 -15.70
CA ALA B 210 -37.36 7.08 -16.78
C ALA B 210 -37.21 7.76 -18.15
N GLU B 211 -37.44 9.07 -18.19
N GLU B 211 -37.43 9.07 -18.20
CA GLU B 211 -37.32 9.83 -19.44
CA GLU B 211 -37.32 9.79 -19.47
C GLU B 211 -35.90 9.79 -19.98
C GLU B 211 -35.90 9.83 -19.99
N PHE B 212 -34.93 10.00 -19.10
CA PHE B 212 -33.53 10.01 -19.51
C PHE B 212 -33.11 8.60 -19.93
N LEU B 213 -33.55 7.59 -19.17
CA LEU B 213 -33.24 6.22 -19.55
C LEU B 213 -33.93 5.87 -20.87
N GLY B 214 -35.11 6.42 -21.10
CA GLY B 214 -35.82 6.22 -22.36
C GLY B 214 -35.05 6.75 -23.57
N VAL B 215 -34.40 7.90 -23.40
CA VAL B 215 -33.61 8.47 -24.50
C VAL B 215 -32.43 7.57 -24.81
N ALA B 216 -31.75 7.11 -23.76
CA ALA B 216 -30.63 6.18 -23.91
C ALA B 216 -31.06 4.91 -24.65
N ALA B 217 -32.16 4.32 -24.21
CA ALA B 217 -32.64 3.08 -24.79
C ALA B 217 -32.98 3.27 -26.28
N ARG B 218 -33.51 4.44 -26.59
CA ARG B 218 -33.94 4.73 -27.96
C ARG B 218 -32.75 4.91 -28.89
N LEU B 219 -31.73 5.65 -28.43
CA LEU B 219 -30.61 6.01 -29.29
C LEU B 219 -29.55 4.93 -29.35
N LEU B 220 -29.35 4.22 -28.25
CA LEU B 220 -28.19 3.33 -28.14
C LEU B 220 -28.57 1.88 -27.89
N GLY B 221 -29.84 1.64 -27.55
CA GLY B 221 -30.34 0.29 -27.39
C GLY B 221 -30.90 0.01 -26.00
N ASP B 222 -31.83 -0.92 -25.91
CA ASP B 222 -32.50 -1.25 -24.66
C ASP B 222 -31.54 -1.70 -23.57
N ASP B 223 -30.46 -2.36 -23.96
CA ASP B 223 -29.52 -2.89 -22.98
C ASP B 223 -28.25 -2.05 -22.83
N TRP B 224 -28.19 -0.92 -23.51
CA TRP B 224 -26.94 -0.14 -23.53
C TRP B 224 -26.59 0.45 -22.17
N ALA B 225 -27.57 0.98 -21.45
CA ALA B 225 -27.30 1.64 -20.18
C ALA B 225 -26.92 0.63 -19.10
N THR B 226 -25.72 0.78 -18.56
CA THR B 226 -25.17 -0.07 -17.51
C THR B 226 -24.33 0.85 -16.62
N PRO B 227 -23.84 0.36 -15.46
CA PRO B 227 -22.93 1.23 -14.69
C PRO B 227 -21.69 1.70 -15.48
N ALA B 228 -21.28 0.92 -16.48
CA ALA B 228 -20.12 1.29 -17.30
C ALA B 228 -20.43 2.36 -18.35
N THR B 229 -21.72 2.65 -18.57
CA THR B 229 -22.13 3.58 -19.63
C THR B 229 -23.13 4.68 -19.24
N PHE B 230 -23.71 4.58 -18.05
CA PHE B 230 -24.75 5.55 -17.68
C PHE B 230 -24.73 5.77 -16.17
N ARG B 231 -24.69 7.02 -15.74
CA ARG B 231 -24.86 7.33 -14.32
C ARG B 231 -25.82 8.49 -14.12
N PHE B 232 -26.59 8.46 -13.03
CA PHE B 232 -27.30 9.65 -12.59
C PHE B 232 -26.46 10.37 -11.53
N GLY B 233 -26.07 11.61 -11.80
CA GLY B 233 -25.42 12.42 -10.79
C GLY B 233 -26.52 13.09 -10.01
N ALA B 234 -26.69 12.70 -8.74
CA ALA B 234 -27.81 13.19 -7.97
C ALA B 234 -27.51 13.37 -6.48
N SER B 235 -28.01 14.45 -5.92
CA SER B 235 -27.88 14.75 -4.50
C SER B 235 -29.22 14.70 -3.77
N SER B 236 -30.33 14.72 -4.52
CA SER B 236 -31.64 14.69 -3.88
C SER B 236 -32.68 13.89 -4.67
N LEU B 237 -32.21 12.85 -5.34
CA LEU B 237 -33.08 11.99 -6.13
C LEU B 237 -33.40 10.67 -5.40
N LEU B 238 -32.44 10.16 -4.64
CA LEU B 238 -32.56 8.82 -4.06
C LEU B 238 -33.78 8.62 -3.16
N THR B 239 -34.07 9.58 -2.29
N THR B 239 -34.06 9.58 -2.27
CA THR B 239 -35.19 9.44 -1.37
CA THR B 239 -35.19 9.47 -1.37
C THR B 239 -36.51 9.31 -2.14
C THR B 239 -36.50 9.32 -2.13
N ASN B 240 -36.65 10.09 -3.20
CA ASN B 240 -37.85 10.01 -4.03
C ASN B 240 -37.96 8.66 -4.72
N LEU B 241 -36.84 8.13 -5.21
CA LEU B 241 -36.83 6.82 -5.86
C LEU B 241 -37.23 5.72 -4.86
N LEU B 242 -36.70 5.81 -3.64
CA LEU B 242 -37.05 4.83 -2.62
C LEU B 242 -38.55 4.90 -2.30
N HIS B 243 -39.13 6.09 -2.34
CA HIS B 243 -40.57 6.22 -2.11
C HIS B 243 -41.36 5.62 -3.27
N THR B 244 -40.86 5.78 -4.49
CA THR B 244 -41.49 5.14 -5.64
C THR B 244 -41.53 3.62 -5.45
N LEU B 245 -40.44 3.07 -4.91
CA LEU B 245 -40.36 1.65 -4.61
C LEU B 245 -41.02 1.29 -3.28
N GLU B 246 -41.62 2.28 -2.63
CA GLU B 246 -42.30 2.11 -1.35
C GLU B 246 -41.34 1.57 -0.28
N LEU B 247 -40.23 2.28 -0.09
CA LEU B 247 -39.23 1.92 0.91
C LEU B 247 -38.84 3.15 1.76
N ALA B 248 -37.92 2.95 2.70
CA ALA B 248 -37.50 3.98 3.64
C ALA B 248 -38.68 4.52 4.43
N SER C 2 39.78 -34.71 27.96
CA SER C 2 38.63 -35.37 28.59
C SER C 2 37.47 -34.38 28.73
N ASP C 3 37.79 -33.15 29.11
CA ASP C 3 36.80 -32.07 29.14
C ASP C 3 36.34 -31.77 27.73
N LEU C 4 37.23 -32.00 26.77
CA LEU C 4 36.97 -31.66 25.38
C LEU C 4 35.88 -32.54 24.77
N LYS C 5 35.85 -33.81 25.14
CA LYS C 5 34.82 -34.71 24.65
C LYS C 5 33.48 -34.38 25.31
N LYS C 6 33.52 -34.00 26.58
CA LYS C 6 32.33 -33.55 27.28
C LYS C 6 31.78 -32.30 26.62
N ALA C 7 32.68 -31.40 26.22
CA ALA C 7 32.29 -30.19 25.50
C ALA C 7 31.68 -30.56 24.15
N ALA C 8 32.27 -31.54 23.49
CA ALA C 8 31.80 -31.99 22.19
C ALA C 8 30.39 -32.58 22.31
N GLN C 9 30.21 -33.43 23.31
CA GLN C 9 28.90 -34.03 23.56
C GLN C 9 27.85 -32.96 23.84
N GLN C 10 28.21 -31.99 24.67
CA GLN C 10 27.29 -30.90 25.00
C GLN C 10 26.98 -30.07 23.76
N ALA C 11 28.00 -29.78 22.98
CA ALA C 11 27.85 -28.94 21.80
C ALA C 11 26.87 -29.56 20.81
N ILE C 12 26.95 -30.87 20.64
CA ILE C 12 26.05 -31.59 19.76
C ILE C 12 24.60 -31.49 20.24
N SER C 13 24.39 -31.73 21.53
CA SER C 13 23.06 -31.62 22.11
C SER C 13 22.49 -30.20 22.02
N LEU C 14 23.36 -29.21 21.81
CA LEU C 14 22.95 -27.80 21.72
C LEU C 14 22.97 -27.29 20.28
N MET C 15 23.15 -28.17 19.32
CA MET C 15 23.37 -27.69 17.96
C MET C 15 22.09 -27.40 17.20
N ASP C 16 22.08 -26.25 16.52
CA ASP C 16 21.13 -25.96 15.46
C ASP C 16 21.79 -26.36 14.14
N LEU C 17 21.54 -27.57 13.67
CA LEU C 17 22.20 -28.08 12.47
C LEU C 17 21.63 -27.38 11.24
N THR C 18 22.48 -26.72 10.47
CA THR C 18 22.01 -25.73 9.51
C THR C 18 22.44 -25.97 8.07
N THR C 19 21.52 -25.76 7.14
CA THR C 19 21.89 -25.57 5.74
C THR C 19 21.07 -24.42 5.15
N LEU C 20 21.77 -23.42 4.64
CA LEU C 20 21.13 -22.23 4.09
C LEU C 20 21.87 -21.81 2.83
N ASN C 21 21.70 -22.58 1.77
CA ASN C 21 22.42 -22.32 0.53
C ASN C 21 21.48 -22.12 -0.64
N ASP C 22 21.96 -21.42 -1.66
CA ASP C 22 21.15 -21.12 -2.83
C ASP C 22 20.75 -22.38 -3.58
N ASP C 23 21.58 -23.42 -3.49
CA ASP C 23 21.32 -24.67 -4.18
C ASP C 23 20.68 -25.74 -3.28
N ASP C 24 20.05 -25.30 -2.19
CA ASP C 24 19.31 -26.23 -1.33
C ASP C 24 18.14 -26.87 -2.06
N THR C 25 17.92 -28.15 -1.80
CA THR C 25 16.80 -28.88 -2.40
C THR C 25 16.02 -29.62 -1.32
N ASP C 26 14.86 -30.15 -1.69
CA ASP C 26 14.09 -31.00 -0.80
C ASP C 26 14.94 -32.16 -0.32
N GLN C 27 15.74 -32.72 -1.23
CA GLN C 27 16.58 -33.87 -0.94
C GLN C 27 17.67 -33.56 0.09
N LYS C 28 18.33 -32.42 -0.07
CA LYS C 28 19.39 -32.03 0.85
C LYS C 28 18.83 -31.79 2.26
N VAL C 29 17.61 -31.27 2.33
CA VAL C 29 16.97 -31.03 3.62
C VAL C 29 16.64 -32.38 4.28
N ILE C 30 16.20 -33.34 3.49
CA ILE C 30 15.93 -34.67 3.99
C ILE C 30 17.21 -35.29 4.57
N GLU C 31 18.32 -35.09 3.87
CA GLU C 31 19.61 -35.60 4.31
C GLU C 31 20.02 -34.94 5.63
N LEU C 32 19.73 -33.65 5.73
CA LEU C 32 20.03 -32.91 6.95
C LEU C 32 19.25 -33.48 8.13
N CYS C 33 17.98 -33.80 7.89
CA CYS C 33 17.12 -34.36 8.94
C CYS C 33 17.71 -35.65 9.51
N HIS C 34 18.20 -36.51 8.62
CA HIS C 34 18.82 -37.77 9.03
C HIS C 34 20.13 -37.52 9.77
N LYS C 35 20.86 -36.49 9.34
CA LYS C 35 22.13 -36.14 9.96
C LYS C 35 21.92 -35.57 11.36
N ALA C 36 20.76 -34.94 11.58
CA ALA C 36 20.43 -34.37 12.88
C ALA C 36 20.31 -35.45 13.95
N LYS C 37 19.99 -36.67 13.54
CA LYS C 37 20.02 -37.80 14.46
C LYS C 37 21.40 -38.42 14.44
N THR C 38 22.35 -37.73 15.07
CA THR C 38 23.77 -38.09 15.05
C THR C 38 24.04 -39.33 15.88
N PRO C 39 25.20 -39.98 15.67
CA PRO C 39 25.57 -41.14 16.49
C PRO C 39 25.76 -40.81 17.98
N ALA C 40 25.94 -39.53 18.29
CA ALA C 40 26.13 -39.11 19.67
C ALA C 40 24.85 -38.51 20.25
N GLY C 41 23.73 -38.76 19.59
CA GLY C 41 22.44 -38.23 20.02
C GLY C 41 21.97 -37.14 19.08
N ASP C 42 20.71 -36.74 19.23
CA ASP C 42 20.11 -35.74 18.36
C ASP C 42 20.65 -34.34 18.63
N THR C 43 20.72 -33.53 17.58
CA THR C 43 20.96 -32.11 17.76
C THR C 43 19.71 -31.50 18.38
N ALA C 44 19.80 -30.26 18.85
CA ALA C 44 18.63 -29.58 19.42
C ALA C 44 17.63 -29.21 18.33
N ALA C 45 18.14 -28.79 17.18
CA ALA C 45 17.30 -28.32 16.10
C ALA C 45 17.98 -28.45 14.75
N ILE C 46 17.21 -28.24 13.69
CA ILE C 46 17.75 -27.99 12.35
C ILE C 46 17.36 -26.58 11.94
N CYS C 47 18.14 -25.98 11.05
CA CYS C 47 17.83 -24.64 10.58
C CYS C 47 17.85 -24.62 9.05
N ILE C 48 16.72 -24.26 8.46
CA ILE C 48 16.54 -24.32 7.01
C ILE C 48 15.69 -23.16 6.54
N TYR C 49 15.62 -22.95 5.22
CA TYR C 49 14.77 -21.88 4.68
C TYR C 49 13.30 -22.27 4.86
N PRO C 50 12.42 -21.27 5.00
CA PRO C 50 11.01 -21.51 5.34
C PRO C 50 10.28 -22.51 4.43
N ARG C 51 10.53 -22.46 3.13
CA ARG C 51 9.78 -23.28 2.20
C ARG C 51 10.07 -24.77 2.35
N PHE C 52 11.10 -25.10 3.12
CA PHE C 52 11.48 -26.50 3.31
C PHE C 52 11.01 -27.06 4.65
N ILE C 53 10.40 -26.22 5.48
CA ILE C 53 9.86 -26.66 6.77
C ILE C 53 8.81 -27.79 6.66
N PRO C 54 7.82 -27.68 5.73
CA PRO C 54 6.81 -28.74 5.69
C PRO C 54 7.38 -30.14 5.43
N ILE C 55 8.31 -30.28 4.49
CA ILE C 55 8.89 -31.59 4.21
C ILE C 55 9.80 -32.04 5.35
N ALA C 56 10.43 -31.08 6.02
CA ALA C 56 11.34 -31.40 7.11
C ALA C 56 10.60 -31.95 8.32
N ARG C 57 9.48 -31.33 8.68
CA ARG C 57 8.67 -31.81 9.79
C ARG C 57 8.14 -33.21 9.47
N LYS C 58 7.72 -33.42 8.23
CA LYS C 58 7.24 -34.72 7.80
C LYS C 58 8.35 -35.77 7.89
N THR C 59 9.55 -35.39 7.46
CA THR C 59 10.69 -36.30 7.49
C THR C 59 11.14 -36.61 8.91
N LEU C 60 11.27 -35.56 9.73
CA LEU C 60 11.66 -35.72 11.13
C LEU C 60 10.73 -36.66 11.89
N ASN C 61 9.43 -36.47 11.68
CA ASN C 61 8.42 -37.27 12.38
C ASN C 61 8.37 -38.71 11.89
N GLU C 62 9.02 -38.98 10.75
CA GLU C 62 9.09 -40.32 10.20
C GLU C 62 10.28 -41.11 10.75
N ILE C 63 11.36 -40.40 11.05
CA ILE C 63 12.59 -41.05 11.49
C ILE C 63 12.83 -40.86 12.99
N GLY C 64 11.78 -40.53 13.73
CA GLY C 64 11.89 -40.34 15.17
C GLY C 64 12.64 -39.07 15.57
N GLY C 65 12.48 -38.03 14.76
CA GLY C 65 13.07 -36.74 15.08
C GLY C 65 12.02 -35.77 15.56
N ASP C 66 11.01 -36.31 16.24
CA ASP C 66 9.87 -35.52 16.72
C ASP C 66 10.29 -34.37 17.64
N ASP C 67 11.24 -34.64 18.53
CA ASP C 67 11.67 -33.66 19.51
C ASP C 67 12.81 -32.79 19.01
N ILE C 68 13.18 -32.95 17.75
CA ILE C 68 14.13 -32.05 17.12
C ILE C 68 13.38 -30.83 16.57
N LYS C 69 13.78 -29.65 17.04
CA LYS C 69 13.11 -28.41 16.67
C LYS C 69 13.44 -28.03 15.23
N ILE C 70 12.53 -27.30 14.59
CA ILE C 70 12.83 -26.73 13.28
C ILE C 70 12.90 -25.23 13.38
N ALA C 71 14.10 -24.70 13.15
CA ALA C 71 14.32 -23.27 13.10
C ALA C 71 14.43 -22.81 11.65
N THR C 72 14.18 -21.52 11.42
CA THR C 72 14.30 -20.95 10.09
C THR C 72 14.79 -19.52 10.24
N VAL C 73 14.93 -18.81 9.12
CA VAL C 73 15.43 -17.45 9.13
C VAL C 73 14.51 -16.49 8.38
N THR C 74 14.43 -15.25 8.87
CA THR C 74 13.64 -14.20 8.23
C THR C 74 14.40 -12.88 8.22
N ASN C 75 13.97 -11.95 7.35
CA ASN C 75 14.70 -10.70 7.14
C ASN C 75 16.17 -10.98 6.83
N PHE C 76 16.40 -12.05 6.08
CA PHE C 76 17.69 -12.73 6.01
C PHE C 76 18.22 -12.77 4.58
N PRO C 77 19.54 -12.55 4.42
CA PRO C 77 20.53 -12.21 5.45
C PRO C 77 20.73 -10.71 5.64
N HIS C 78 20.03 -9.89 4.87
CA HIS C 78 20.30 -8.46 4.76
C HIS C 78 20.09 -7.63 6.03
N GLY C 79 19.12 -8.00 6.86
CA GLY C 79 18.77 -7.18 8.00
C GLY C 79 18.32 -5.80 7.58
N ASN C 80 17.52 -5.73 6.53
CA ASN C 80 16.98 -4.46 6.08
C ASN C 80 16.01 -3.89 7.12
N ASP C 81 15.71 -2.60 7.03
CA ASP C 81 14.91 -1.98 8.10
C ASP C 81 13.45 -1.78 7.71
N ASP C 82 12.94 -2.67 6.85
N ASP C 82 12.94 -2.66 6.85
CA ASP C 82 11.53 -2.64 6.53
CA ASP C 82 11.52 -2.65 6.49
C ASP C 82 10.79 -3.62 7.41
C ASP C 82 10.75 -3.63 7.37
N ILE C 83 10.04 -3.10 8.38
CA ILE C 83 9.36 -3.94 9.37
C ILE C 83 8.34 -4.89 8.77
N ALA C 84 7.52 -4.40 7.83
CA ALA C 84 6.43 -5.21 7.31
C ALA C 84 6.96 -6.45 6.58
N ILE C 85 8.08 -6.30 5.89
CA ILE C 85 8.68 -7.44 5.20
C ILE C 85 9.12 -8.52 6.20
N ALA C 86 9.86 -8.10 7.23
CA ALA C 86 10.27 -9.01 8.31
C ALA C 86 9.07 -9.72 8.97
N VAL C 87 8.00 -8.96 9.20
CA VAL C 87 6.81 -9.49 9.87
C VAL C 87 6.11 -10.54 9.00
N LEU C 88 5.90 -10.20 7.73
CA LEU C 88 5.25 -11.11 6.79
C LEU C 88 6.03 -12.43 6.66
N GLU C 89 7.34 -12.33 6.59
CA GLU C 89 8.19 -13.51 6.48
C GLU C 89 8.10 -14.35 7.73
N THR C 90 8.02 -13.68 8.87
CA THR C 90 7.91 -14.37 10.16
C THR C 90 6.55 -15.04 10.29
N ARG C 91 5.49 -14.32 9.87
CA ARG C 91 4.15 -14.90 9.87
C ARG C 91 4.11 -16.18 9.05
N ALA C 92 4.73 -16.15 7.87
CA ALA C 92 4.75 -17.30 6.98
C ALA C 92 5.54 -18.46 7.57
N ALA C 93 6.66 -18.15 8.21
CA ALA C 93 7.48 -19.16 8.85
C ALA C 93 6.70 -19.91 9.93
N VAL C 94 5.95 -19.15 10.72
CA VAL C 94 5.09 -19.73 11.74
C VAL C 94 4.04 -20.62 11.08
N ALA C 95 3.43 -20.09 10.03
CA ALA C 95 2.43 -20.81 9.25
C ALA C 95 2.97 -22.11 8.65
N TYR C 96 4.21 -22.07 8.15
CA TYR C 96 4.87 -23.27 7.62
C TYR C 96 5.03 -24.33 8.70
N GLY C 97 5.12 -23.89 9.95
CA GLY C 97 5.28 -24.80 11.07
C GLY C 97 6.58 -24.68 11.84
N ALA C 98 7.23 -23.53 11.75
CA ALA C 98 8.50 -23.31 12.44
C ALA C 98 8.33 -23.28 13.95
N ASP C 99 9.21 -23.98 14.66
CA ASP C 99 9.27 -23.89 16.11
C ASP C 99 10.02 -22.64 16.53
N GLU C 100 10.98 -22.22 15.70
CA GLU C 100 11.84 -21.08 16.02
C GLU C 100 12.11 -20.24 14.77
N VAL C 101 12.21 -18.93 14.94
CA VAL C 101 12.55 -18.05 13.83
C VAL C 101 13.75 -17.20 14.22
N ASP C 102 14.80 -17.23 13.40
CA ASP C 102 15.97 -16.38 13.60
C ASP C 102 15.88 -15.18 12.66
N VAL C 103 15.51 -14.02 13.19
CA VAL C 103 15.34 -12.81 12.37
C VAL C 103 16.60 -11.95 12.45
N VAL C 104 16.96 -11.33 11.34
CA VAL C 104 18.11 -10.45 11.35
C VAL C 104 17.70 -9.04 11.76
N PHE C 105 18.37 -8.56 12.82
CA PHE C 105 18.23 -7.20 13.33
C PHE C 105 18.62 -6.19 12.25
N PRO C 106 17.93 -5.04 12.21
CA PRO C 106 18.38 -4.01 11.24
C PRO C 106 19.63 -3.29 11.73
N TYR C 107 20.77 -3.97 11.60
CA TYR C 107 22.03 -3.50 12.17
C TYR C 107 22.60 -2.28 11.44
N ARG C 108 22.41 -2.19 10.13
CA ARG C 108 22.86 -0.99 9.40
C ARG C 108 22.14 0.25 9.90
N ALA C 109 20.84 0.13 10.14
CA ALA C 109 20.07 1.26 10.63
C ALA C 109 20.57 1.71 12.01
N LEU C 110 20.91 0.76 12.87
CA LEU C 110 21.44 1.10 14.18
C LEU C 110 22.78 1.83 14.06
N MET C 111 23.62 1.35 13.14
CA MET C 111 24.92 1.97 12.90
C MET C 111 24.78 3.42 12.40
N GLU C 112 23.65 3.69 11.75
CA GLU C 112 23.33 5.06 11.30
C GLU C 112 22.68 5.90 12.39
N GLY C 113 22.47 5.31 13.57
CA GLY C 113 21.92 6.05 14.69
C GLY C 113 20.42 5.84 14.93
N ASN C 114 19.82 4.93 14.19
CA ASN C 114 18.38 4.66 14.31
C ASN C 114 18.12 3.45 15.20
N GLU C 115 17.88 3.69 16.50
CA GLU C 115 17.60 2.61 17.44
C GLU C 115 16.14 2.18 17.41
N THR C 116 15.25 3.08 16.99
CA THR C 116 13.82 2.81 17.04
C THR C 116 13.43 1.61 16.19
N VAL C 117 13.90 1.60 14.94
CA VAL C 117 13.42 0.60 13.99
C VAL C 117 13.86 -0.80 14.42
N GLY C 118 15.01 -0.91 15.08
CA GLY C 118 15.50 -2.19 15.54
C GLY C 118 14.60 -2.74 16.63
N PHE C 119 14.31 -1.89 17.60
CA PHE C 119 13.40 -2.24 18.68
C PHE C 119 12.04 -2.64 18.09
N GLU C 120 11.51 -1.81 17.20
CA GLU C 120 10.15 -2.05 16.70
C GLU C 120 10.05 -3.27 15.78
N LEU C 121 11.12 -3.55 15.05
CA LEU C 121 11.10 -4.70 14.15
C LEU C 121 11.11 -6.00 14.95
N VAL C 122 12.00 -6.07 15.94
CA VAL C 122 12.04 -7.24 16.81
C VAL C 122 10.71 -7.42 17.55
N LYS C 123 10.16 -6.33 18.07
CA LYS C 123 8.88 -6.38 18.76
C LYS C 123 7.76 -6.91 17.87
N ALA C 124 7.70 -6.41 16.63
CA ALA C 124 6.66 -6.84 15.71
C ALA C 124 6.85 -8.31 15.32
N CYS C 125 8.11 -8.72 15.13
CA CYS C 125 8.37 -10.10 14.76
C CYS C 125 8.09 -11.06 15.92
N LYS C 126 8.39 -10.64 17.15
CA LYS C 126 8.05 -11.43 18.33
C LYS C 126 6.55 -11.61 18.44
N GLU C 127 5.81 -10.54 18.15
CA GLU C 127 4.35 -10.61 18.13
C GLU C 127 3.88 -11.63 17.09
N ALA C 128 4.53 -11.64 15.94
CA ALA C 128 4.16 -12.55 14.85
C ALA C 128 4.48 -14.01 15.16
N CYS C 129 5.32 -14.25 16.16
CA CYS C 129 5.67 -15.61 16.53
C CYS C 129 4.56 -16.29 17.32
N GLY C 130 3.68 -15.48 17.91
CA GLY C 130 2.60 -16.02 18.71
C GLY C 130 3.10 -16.64 19.99
N GLU C 131 2.48 -17.75 20.39
CA GLU C 131 2.80 -18.38 21.67
C GLU C 131 3.73 -19.59 21.55
N ASP C 132 3.72 -20.24 20.39
CA ASP C 132 4.39 -21.53 20.25
C ASP C 132 5.69 -21.46 19.44
N THR C 133 6.11 -20.24 19.10
CA THR C 133 7.32 -20.07 18.33
C THR C 133 8.24 -19.07 19.01
N ILE C 134 9.50 -19.44 19.23
CA ILE C 134 10.43 -18.53 19.86
C ILE C 134 11.17 -17.72 18.81
N LEU C 135 11.65 -16.54 19.21
CA LEU C 135 12.34 -15.64 18.28
C LEU C 135 13.78 -15.43 18.68
N LYS C 136 14.69 -15.76 17.77
CA LYS C 136 16.10 -15.46 17.96
C LYS C 136 16.42 -14.23 17.12
N VAL C 137 17.24 -13.33 17.66
CA VAL C 137 17.57 -12.13 16.92
C VAL C 137 19.05 -12.15 16.55
N ILE C 138 19.32 -12.12 15.26
CA ILE C 138 20.69 -12.04 14.77
C ILE C 138 21.12 -10.58 14.73
N ILE C 139 22.09 -10.19 15.54
CA ILE C 139 22.48 -8.78 15.55
C ILE C 139 23.63 -8.47 14.58
N GLU C 140 24.21 -9.51 13.99
CA GLU C 140 25.39 -9.39 13.10
C GLU C 140 26.52 -8.61 13.79
N SER C 141 26.97 -9.15 14.93
CA SER C 141 27.96 -8.49 15.78
C SER C 141 29.31 -8.33 15.10
N GLY C 142 29.57 -9.16 14.10
CA GLY C 142 30.80 -9.06 13.32
C GLY C 142 30.85 -7.81 12.48
N VAL C 143 29.69 -7.30 12.08
CA VAL C 143 29.60 -6.06 11.33
C VAL C 143 29.46 -4.85 12.25
N LEU C 144 28.64 -4.98 13.30
CA LEU C 144 28.53 -3.92 14.31
C LEU C 144 29.90 -3.55 14.83
N ALA C 145 30.69 -4.59 15.12
CA ALA C 145 32.12 -4.51 15.48
C ALA C 145 32.39 -3.83 16.82
N ASP C 146 31.96 -2.58 16.97
N ASP C 146 31.92 -2.59 16.95
CA ASP C 146 32.23 -1.82 18.18
CA ASP C 146 32.10 -1.78 18.15
C ASP C 146 31.37 -2.31 19.34
C ASP C 146 31.32 -2.33 19.34
N PRO C 147 32.00 -2.55 20.49
CA PRO C 147 31.34 -3.07 21.70
C PRO C 147 30.08 -2.32 22.11
N ALA C 148 30.07 -0.99 22.04
CA ALA C 148 28.89 -0.23 22.40
C ALA C 148 27.70 -0.60 21.52
N LEU C 149 27.95 -0.85 20.24
CA LEU C 149 26.89 -1.23 19.32
C LEU C 149 26.40 -2.66 19.55
N ILE C 150 27.33 -3.57 19.80
CA ILE C 150 26.98 -4.95 20.08
C ILE C 150 26.12 -4.99 21.35
N ARG C 151 26.57 -4.29 22.38
CA ARG C 151 25.78 -4.14 23.61
C ARG C 151 24.41 -3.54 23.32
N LYS C 152 24.36 -2.46 22.55
CA LYS C 152 23.10 -1.76 22.31
C LYS C 152 22.09 -2.63 21.55
N ALA C 153 22.56 -3.31 20.51
CA ALA C 153 21.69 -4.18 19.72
C ALA C 153 21.15 -5.32 20.59
N SER C 154 22.00 -5.82 21.48
CA SER C 154 21.61 -6.89 22.40
C SER C 154 20.52 -6.42 23.36
N GLU C 155 20.73 -5.22 23.93
CA GLU C 155 19.79 -4.63 24.88
C GLU C 155 18.44 -4.31 24.23
N LEU C 156 18.51 -3.71 23.05
CA LEU C 156 17.29 -3.41 22.30
C LEU C 156 16.51 -4.67 21.97
N SER C 157 17.21 -5.70 21.51
CA SER C 157 16.55 -6.95 21.12
C SER C 157 15.88 -7.62 22.32
N ILE C 158 16.56 -7.63 23.45
CA ILE C 158 15.98 -8.22 24.66
C ILE C 158 14.79 -7.40 25.17
N ASP C 159 14.93 -6.08 25.20
CA ASP C 159 13.82 -5.22 25.60
C ASP C 159 12.58 -5.44 24.73
N ALA C 160 12.80 -5.79 23.46
CA ALA C 160 11.72 -5.95 22.50
C ALA C 160 11.14 -7.36 22.49
N GLY C 161 11.70 -8.24 23.30
CA GLY C 161 11.09 -9.55 23.49
C GLY C 161 11.83 -10.75 22.91
N ALA C 162 13.05 -10.55 22.46
CA ALA C 162 13.87 -11.65 21.94
C ALA C 162 13.99 -12.80 22.96
N ASP C 163 13.85 -14.03 22.48
CA ASP C 163 14.06 -15.22 23.30
C ASP C 163 15.52 -15.67 23.24
N PHE C 164 16.21 -15.33 22.15
CA PHE C 164 17.63 -15.57 21.96
C PHE C 164 18.28 -14.37 21.32
N ILE C 165 19.55 -14.13 21.60
CA ILE C 165 20.32 -13.24 20.74
C ILE C 165 21.44 -14.04 20.11
N LYS C 166 21.61 -13.83 18.81
CA LYS C 166 22.49 -14.63 17.97
C LYS C 166 23.53 -13.75 17.31
N THR C 167 24.77 -14.22 17.24
CA THR C 167 25.86 -13.37 16.76
C THR C 167 25.72 -12.98 15.29
N SER C 168 25.47 -13.95 14.42
CA SER C 168 25.78 -13.75 13.01
C SER C 168 24.88 -14.51 12.05
N THR C 169 24.85 -14.07 10.80
CA THR C 169 24.09 -14.78 9.78
C THR C 169 24.87 -15.95 9.21
N GLY C 170 26.20 -15.86 9.32
CA GLY C 170 27.08 -16.81 8.68
C GLY C 170 27.30 -16.43 7.23
N LYS C 171 26.81 -15.26 6.84
CA LYS C 171 26.89 -14.83 5.44
C LYS C 171 27.80 -13.62 5.26
N VAL C 172 28.50 -13.24 6.33
CA VAL C 172 29.45 -12.13 6.26
C VAL C 172 30.87 -12.58 6.60
N ALA C 173 31.82 -11.64 6.50
CA ALA C 173 33.24 -11.93 6.67
C ALA C 173 33.57 -12.33 8.11
N VAL C 174 33.04 -11.57 9.06
CA VAL C 174 33.27 -11.86 10.47
C VAL C 174 31.99 -12.33 11.14
N ASN C 175 32.02 -13.54 11.67
CA ASN C 175 30.85 -14.08 12.33
C ASN C 175 31.03 -14.14 13.85
N ALA C 176 30.70 -15.27 14.47
CA ALA C 176 30.78 -15.37 15.92
C ALA C 176 32.22 -15.16 16.41
N THR C 177 32.38 -14.30 17.43
CA THR C 177 33.66 -14.09 18.08
C THR C 177 33.49 -14.14 19.58
N LEU C 178 34.57 -14.51 20.28
CA LEU C 178 34.54 -14.57 21.74
C LEU C 178 34.31 -13.20 22.36
N GLU C 179 34.86 -12.18 21.72
CA GLU C 179 34.66 -10.81 22.18
C GLU C 179 33.17 -10.46 22.15
N ALA C 180 32.52 -10.77 21.04
CA ALA C 180 31.09 -10.48 20.91
C ALA C 180 30.29 -11.31 21.92
N ALA C 181 30.67 -12.58 22.07
CA ALA C 181 29.99 -13.48 22.98
C ALA C 181 30.09 -13.01 24.44
N GLU C 182 31.26 -12.49 24.80
CA GLU C 182 31.47 -11.93 26.13
C GLU C 182 30.46 -10.81 26.38
N ILE C 183 30.33 -9.88 25.43
CA ILE C 183 29.43 -8.75 25.59
C ILE C 183 27.97 -9.18 25.63
N MET C 184 27.60 -10.03 24.70
CA MET C 184 26.21 -10.45 24.57
C MET C 184 25.73 -11.25 25.78
N MET C 185 26.57 -12.12 26.31
CA MET C 185 26.17 -12.91 27.48
C MET C 185 26.26 -12.09 28.76
N THR C 186 27.10 -11.06 28.77
CA THR C 186 27.09 -10.10 29.86
C THR C 186 25.74 -9.36 29.90
N VAL C 187 25.26 -8.94 28.74
CA VAL C 187 23.98 -8.25 28.66
C VAL C 187 22.84 -9.17 29.09
N ILE C 188 22.92 -10.43 28.68
CA ILE C 188 21.92 -11.41 29.12
C ILE C 188 21.95 -11.50 30.65
N SER C 189 23.14 -11.57 31.22
CA SER C 189 23.28 -11.67 32.68
C SER C 189 22.73 -10.43 33.37
N GLU C 190 22.80 -9.29 32.69
CA GLU C 190 22.33 -8.03 33.25
C GLU C 190 20.83 -7.87 33.15
N LYS C 191 20.21 -8.47 32.13
CA LYS C 191 18.82 -8.18 31.84
C LYS C 191 17.87 -9.32 32.16
N ASN C 192 18.19 -10.53 31.71
CA ASN C 192 17.34 -11.70 31.90
C ASN C 192 18.01 -12.99 31.44
N PRO C 193 18.51 -13.79 32.39
CA PRO C 193 19.16 -15.07 32.11
C PRO C 193 18.24 -16.13 31.50
N LYS C 194 16.96 -15.81 31.31
CA LYS C 194 16.06 -16.69 30.55
C LYS C 194 16.36 -16.59 29.05
N VAL C 195 16.83 -15.42 28.63
CA VAL C 195 17.18 -15.19 27.23
C VAL C 195 18.39 -16.01 26.81
N GLY C 196 18.30 -16.64 25.64
CA GLY C 196 19.35 -17.52 25.16
C GLY C 196 20.44 -16.84 24.34
N PHE C 197 21.57 -17.55 24.20
CA PHE C 197 22.66 -17.07 23.35
C PHE C 197 22.98 -18.08 22.26
N LYS C 198 23.23 -17.59 21.04
CA LYS C 198 23.58 -18.48 19.93
C LYS C 198 24.77 -17.93 19.13
N PRO C 199 25.98 -18.47 19.37
CA PRO C 199 27.08 -18.14 18.47
C PRO C 199 26.88 -18.89 17.17
N ALA C 200 27.01 -18.21 16.04
CA ALA C 200 26.76 -18.86 14.77
C ALA C 200 27.82 -18.47 13.76
N GLY C 201 28.32 -19.47 13.05
CA GLY C 201 29.31 -19.26 12.00
C GLY C 201 30.72 -19.26 12.52
N GLY C 202 31.60 -19.97 11.82
CA GLY C 202 33.02 -19.95 12.15
C GLY C 202 33.41 -20.76 13.38
N VAL C 203 32.44 -21.36 14.05
CA VAL C 203 32.75 -22.26 15.16
C VAL C 203 33.13 -23.61 14.54
N LYS C 204 34.42 -23.90 14.53
CA LYS C 204 34.98 -24.95 13.67
C LYS C 204 35.24 -26.29 14.36
N ASP C 205 35.58 -26.26 15.64
CA ASP C 205 35.94 -27.49 16.34
C ASP C 205 35.52 -27.49 17.80
N ALA C 206 35.81 -28.59 18.49
CA ALA C 206 35.42 -28.75 19.88
C ALA C 206 36.13 -27.75 20.78
N ALA C 207 37.36 -27.40 20.44
CA ALA C 207 38.14 -26.47 21.23
C ALA C 207 37.47 -25.09 21.27
N ALA C 208 37.02 -24.64 20.10
CA ALA C 208 36.32 -23.37 20.00
C ALA C 208 34.97 -23.43 20.71
N ALA C 209 34.26 -24.54 20.53
CA ALA C 209 32.97 -24.73 21.19
C ALA C 209 33.14 -24.69 22.70
N ALA C 210 34.22 -25.32 23.19
CA ALA C 210 34.51 -25.35 24.61
C ALA C 210 34.75 -23.95 25.16
N GLU C 211 35.40 -23.10 24.35
CA GLU C 211 35.67 -21.72 24.76
C GLU C 211 34.39 -20.91 24.92
N PHE C 212 33.47 -21.09 23.99
CA PHE C 212 32.21 -20.36 24.04
C PHE C 212 31.41 -20.82 25.26
N LEU C 213 31.35 -22.14 25.47
CA LEU C 213 30.67 -22.69 26.64
C LEU C 213 31.36 -22.26 27.93
N GLY C 214 32.68 -22.07 27.86
CA GLY C 214 33.43 -21.60 29.01
C GLY C 214 33.02 -20.19 29.40
N VAL C 215 32.81 -19.34 28.42
CA VAL C 215 32.35 -17.97 28.68
C VAL C 215 30.98 -17.97 29.33
N ALA C 216 30.07 -18.78 28.78
CA ALA C 216 28.72 -18.93 29.33
C ALA C 216 28.77 -19.37 30.79
N ALA C 217 29.56 -20.40 31.07
CA ALA C 217 29.66 -20.96 32.42
C ALA C 217 30.19 -19.92 33.41
N ARG C 218 31.17 -19.14 32.96
CA ARG C 218 31.78 -18.14 33.83
C ARG C 218 30.83 -17.00 34.13
N LEU C 219 30.15 -16.52 33.10
CA LEU C 219 29.26 -15.36 33.21
C LEU C 219 27.90 -15.69 33.80
N LEU C 220 27.37 -16.86 33.47
CA LEU C 220 25.97 -17.17 33.77
C LEU C 220 25.78 -18.41 34.62
N GLY C 221 26.87 -19.14 34.87
CA GLY C 221 26.83 -20.31 35.73
C GLY C 221 27.09 -21.62 35.01
N ASP C 222 27.64 -22.59 35.73
CA ASP C 222 28.00 -23.89 35.17
C ASP C 222 26.81 -24.65 34.58
N ASP C 223 25.61 -24.39 35.11
CA ASP C 223 24.42 -25.09 34.65
C ASP C 223 23.49 -24.22 33.79
N TRP C 224 23.96 -23.05 33.40
CA TRP C 224 23.10 -22.15 32.66
C TRP C 224 22.77 -22.66 31.25
N ALA C 225 23.79 -23.15 30.54
CA ALA C 225 23.63 -23.56 29.16
C ALA C 225 22.78 -24.82 29.03
N THR C 226 21.65 -24.69 28.35
CA THR C 226 20.72 -25.78 28.09
C THR C 226 20.19 -25.57 26.68
N PRO C 227 19.44 -26.53 26.13
CA PRO C 227 18.85 -26.22 24.82
C PRO C 227 17.93 -24.99 24.83
N ALA C 228 17.44 -24.60 26.01
CA ALA C 228 16.54 -23.46 26.11
C ALA C 228 17.30 -22.14 26.21
N THR C 229 18.61 -22.21 26.40
CA THR C 229 19.41 -21.01 26.65
C THR C 229 20.67 -20.90 25.78
N PHE C 230 21.02 -21.95 25.05
CA PHE C 230 22.27 -21.93 24.28
C PHE C 230 22.20 -22.83 23.05
N ARG C 231 22.55 -22.28 21.90
CA ARG C 231 22.62 -23.06 20.68
C ARG C 231 23.88 -22.75 19.90
N PHE C 232 24.45 -23.79 19.27
CA PHE C 232 25.50 -23.58 18.29
C PHE C 232 24.91 -23.57 16.88
N GLY C 233 24.99 -22.44 16.19
CA GLY C 233 24.62 -22.41 14.78
C GLY C 233 25.79 -22.96 13.98
N ALA C 234 25.59 -24.10 13.32
CA ALA C 234 26.70 -24.79 12.69
C ALA C 234 26.28 -25.55 11.43
N SER C 235 27.11 -25.47 10.40
CA SER C 235 26.87 -26.19 9.15
C SER C 235 28.02 -27.14 8.85
N SER C 236 29.16 -26.90 9.46
CA SER C 236 30.34 -27.74 9.26
C SER C 236 31.12 -27.93 10.56
N LEU C 237 30.39 -28.07 11.67
CA LEU C 237 31.01 -28.28 12.98
C LEU C 237 30.79 -29.71 13.47
N LEU C 238 29.65 -30.30 13.08
CA LEU C 238 29.25 -31.61 13.57
C LEU C 238 30.26 -32.72 13.25
N THR C 239 30.83 -32.69 12.05
CA THR C 239 31.80 -33.70 11.66
C THR C 239 33.02 -33.68 12.58
N ASN C 240 33.51 -32.49 12.88
CA ASN C 240 34.66 -32.34 13.76
C ASN C 240 34.35 -32.77 15.18
N LEU C 241 33.15 -32.42 15.67
CA LEU C 241 32.72 -32.84 16.99
C LEU C 241 32.64 -34.36 17.10
N LEU C 242 32.06 -34.99 16.09
CA LEU C 242 31.97 -36.45 16.05
C LEU C 242 33.36 -37.08 15.96
N HIS C 243 34.27 -36.38 15.29
CA HIS C 243 35.65 -36.83 15.17
C HIS C 243 36.36 -36.80 16.52
N THR C 244 36.10 -35.75 17.29
CA THR C 244 36.68 -35.60 18.62
C THR C 244 36.26 -36.74 19.54
N LEU C 245 35.02 -37.16 19.42
CA LEU C 245 34.48 -38.20 20.28
C LEU C 245 35.01 -39.60 19.94
N GLU C 246 35.35 -39.82 18.67
CA GLU C 246 35.79 -41.13 18.22
C GLU C 246 37.29 -41.34 18.44
N LEU C 247 38.01 -40.24 18.69
CA LEU C 247 39.45 -40.32 18.92
C LEU C 247 39.76 -40.64 20.37
N SER D 2 -9.18 -3.31 -35.83
CA SER D 2 -8.78 -2.86 -34.50
C SER D 2 -9.36 -3.76 -33.42
N ASP D 3 -9.99 -4.85 -33.86
CA ASP D 3 -10.49 -5.87 -32.93
C ASP D 3 -9.32 -6.50 -32.19
N LEU D 4 -8.23 -6.69 -32.93
CA LEU D 4 -7.01 -7.27 -32.37
C LEU D 4 -6.41 -6.33 -31.32
N LYS D 5 -6.58 -5.03 -31.52
CA LYS D 5 -6.12 -4.04 -30.56
C LYS D 5 -6.98 -4.05 -29.31
N LYS D 6 -8.30 -4.12 -29.50
CA LYS D 6 -9.24 -4.14 -28.39
C LYS D 6 -9.01 -5.37 -27.50
N ALA D 7 -8.73 -6.51 -28.12
CA ALA D 7 -8.47 -7.74 -27.39
C ALA D 7 -7.16 -7.64 -26.61
N ALA D 8 -6.17 -6.98 -27.20
CA ALA D 8 -4.87 -6.82 -26.55
C ALA D 8 -4.98 -5.95 -25.31
N GLN D 9 -5.72 -4.85 -25.42
CA GLN D 9 -5.94 -3.95 -24.30
C GLN D 9 -6.68 -4.67 -23.17
N GLN D 10 -7.68 -5.48 -23.54
CA GLN D 10 -8.41 -6.23 -22.54
C GLN D 10 -7.51 -7.25 -21.84
N ALA D 11 -6.70 -7.96 -22.63
CA ALA D 11 -5.82 -9.00 -22.10
C ALA D 11 -4.82 -8.45 -21.10
N ILE D 12 -4.25 -7.28 -21.38
CA ILE D 12 -3.31 -6.65 -20.46
C ILE D 12 -3.96 -6.32 -19.13
N SER D 13 -5.18 -5.79 -19.17
CA SER D 13 -5.91 -5.44 -17.95
C SER D 13 -6.44 -6.69 -17.22
N LEU D 14 -6.40 -7.83 -17.90
CA LEU D 14 -6.83 -9.10 -17.32
C LEU D 14 -5.64 -9.99 -16.95
N MET D 15 -4.43 -9.49 -17.16
CA MET D 15 -3.25 -10.34 -17.05
C MET D 15 -2.74 -10.58 -15.63
N ASP D 16 -2.41 -11.84 -15.35
CA ASP D 16 -1.57 -12.18 -14.20
C ASP D 16 -0.13 -12.28 -14.67
N LEU D 17 0.60 -11.17 -14.57
CA LEU D 17 1.99 -11.11 -15.05
C LEU D 17 2.88 -11.98 -14.16
N THR D 18 3.50 -13.01 -14.75
CA THR D 18 4.06 -14.08 -13.95
C THR D 18 5.56 -14.32 -14.14
N THR D 19 6.25 -14.61 -13.04
CA THR D 19 7.59 -15.16 -13.13
C THR D 19 7.77 -16.24 -12.07
N LEU D 20 8.06 -17.45 -12.52
CA LEU D 20 8.24 -18.59 -11.63
C LEU D 20 9.44 -19.42 -12.07
N ASN D 21 10.64 -18.88 -11.86
CA ASN D 21 11.86 -19.55 -12.28
C ASN D 21 12.79 -19.86 -11.12
N ASP D 22 13.81 -20.67 -11.39
CA ASP D 22 14.80 -21.01 -10.37
C ASP D 22 15.74 -19.84 -10.10
N ASP D 23 16.03 -19.06 -11.14
CA ASP D 23 16.95 -17.93 -11.02
C ASP D 23 16.25 -16.65 -10.58
N ASP D 24 15.05 -16.79 -10.00
CA ASP D 24 14.31 -15.63 -9.53
C ASP D 24 14.93 -15.04 -8.28
N THR D 25 15.03 -13.72 -8.24
CA THR D 25 15.58 -13.00 -7.10
C THR D 25 14.67 -11.84 -6.75
N ASP D 26 14.97 -11.14 -5.66
CA ASP D 26 14.20 -9.95 -5.28
C ASP D 26 14.22 -8.94 -6.41
N GLN D 27 15.40 -8.75 -7.00
CA GLN D 27 15.57 -7.77 -8.07
C GLN D 27 14.72 -8.10 -9.29
N LYS D 28 14.66 -9.39 -9.63
CA LYS D 28 13.83 -9.84 -10.74
C LYS D 28 12.34 -9.56 -10.47
N VAL D 29 11.96 -9.63 -9.20
CA VAL D 29 10.57 -9.40 -8.81
C VAL D 29 10.26 -7.90 -8.83
N ILE D 30 11.23 -7.09 -8.40
CA ILE D 30 11.08 -5.64 -8.46
C ILE D 30 10.85 -5.18 -9.89
N GLU D 31 11.64 -5.74 -10.82
CA GLU D 31 11.49 -5.43 -12.23
C GLU D 31 10.10 -5.80 -12.74
N LEU D 32 9.63 -6.98 -12.35
CA LEU D 32 8.30 -7.46 -12.74
C LEU D 32 7.21 -6.50 -12.27
N CYS D 33 7.38 -5.99 -11.05
CA CYS D 33 6.44 -5.01 -10.49
C CYS D 33 6.34 -3.77 -11.36
N HIS D 34 7.50 -3.26 -11.80
CA HIS D 34 7.54 -2.10 -12.67
C HIS D 34 6.93 -2.41 -14.03
N LYS D 35 7.16 -3.63 -14.50
CA LYS D 35 6.65 -4.08 -15.79
C LYS D 35 5.12 -4.22 -15.76
N ALA D 36 4.59 -4.56 -14.59
CA ALA D 36 3.15 -4.73 -14.41
C ALA D 36 2.42 -3.39 -14.53
N LYS D 37 3.15 -2.30 -14.34
CA LYS D 37 2.63 -0.97 -14.65
C LYS D 37 2.96 -0.67 -16.10
N THR D 38 2.13 -1.18 -17.00
CA THR D 38 2.40 -1.10 -18.43
C THR D 38 1.98 0.25 -19.03
N PRO D 39 2.60 0.63 -20.16
CA PRO D 39 2.17 1.82 -20.91
C PRO D 39 0.70 1.78 -21.33
N ALA D 40 0.10 0.59 -21.30
CA ALA D 40 -1.31 0.42 -21.66
C ALA D 40 -2.20 0.25 -20.42
N GLY D 41 -1.62 0.50 -19.24
CA GLY D 41 -2.38 0.38 -18.01
C GLY D 41 -1.84 -0.72 -17.12
N ASP D 42 -2.37 -0.82 -15.91
CA ASP D 42 -1.96 -1.85 -14.95
C ASP D 42 -2.50 -3.23 -15.32
N THR D 43 -1.67 -4.26 -15.13
CA THR D 43 -2.15 -5.63 -15.22
C THR D 43 -3.05 -5.91 -14.02
N ALA D 44 -3.82 -6.98 -14.10
CA ALA D 44 -4.71 -7.35 -13.00
C ALA D 44 -3.92 -7.77 -11.75
N ALA D 45 -2.82 -8.46 -11.98
CA ALA D 45 -2.03 -9.00 -10.89
C ALA D 45 -0.63 -9.38 -11.33
N ILE D 46 0.19 -9.78 -10.37
CA ILE D 46 1.44 -10.44 -10.66
C ILE D 46 1.39 -11.81 -10.00
N CYS D 47 2.16 -12.75 -10.53
CA CYS D 47 2.23 -14.08 -9.92
C CYS D 47 3.69 -14.48 -9.70
N ILE D 48 4.04 -14.71 -8.44
CA ILE D 48 5.41 -14.97 -8.03
C ILE D 48 5.46 -16.06 -6.97
N TYR D 49 6.66 -16.59 -6.70
CA TYR D 49 6.84 -17.53 -5.60
C TYR D 49 6.56 -16.84 -4.26
N PRO D 50 6.05 -17.61 -3.27
CA PRO D 50 5.63 -17.07 -1.97
C PRO D 50 6.63 -16.13 -1.30
N ARG D 51 7.91 -16.48 -1.30
CA ARG D 51 8.89 -15.73 -0.52
C ARG D 51 9.21 -14.36 -1.12
N PHE D 52 8.64 -14.07 -2.29
CA PHE D 52 8.85 -12.78 -2.93
C PHE D 52 7.65 -11.86 -2.76
N ILE D 53 6.61 -12.36 -2.11
CA ILE D 53 5.40 -11.56 -1.89
C ILE D 53 5.66 -10.28 -1.05
N PRO D 54 6.45 -10.38 0.02
CA PRO D 54 6.69 -9.15 0.79
C PRO D 54 7.39 -8.03 0.01
N ILE D 55 8.46 -8.34 -0.71
CA ILE D 55 9.19 -7.31 -1.44
C ILE D 55 8.37 -6.79 -2.62
N ALA D 56 7.48 -7.63 -3.15
CA ALA D 56 6.62 -7.20 -4.24
C ALA D 56 5.58 -6.20 -3.73
N ARG D 57 5.05 -6.48 -2.54
CA ARG D 57 4.07 -5.60 -1.92
C ARG D 57 4.69 -4.23 -1.64
N LYS D 58 5.88 -4.22 -1.06
CA LYS D 58 6.58 -2.98 -0.76
C LYS D 58 6.83 -2.16 -2.04
N THR D 59 7.20 -2.86 -3.10
CA THR D 59 7.55 -2.22 -4.36
C THR D 59 6.32 -1.61 -5.03
N LEU D 60 5.25 -2.39 -5.12
CA LEU D 60 4.00 -1.91 -5.73
C LEU D 60 3.43 -0.73 -4.97
N ASN D 61 3.59 -0.74 -3.65
CA ASN D 61 3.12 0.36 -2.79
C ASN D 61 3.97 1.62 -3.01
N GLU D 62 5.17 1.43 -3.53
CA GLU D 62 6.08 2.55 -3.79
C GLU D 62 5.81 3.22 -5.14
N ILE D 63 5.37 2.43 -6.12
CA ILE D 63 5.38 2.90 -7.51
C ILE D 63 3.99 3.15 -8.09
N GLY D 64 2.97 3.10 -7.25
CA GLY D 64 1.61 3.36 -7.69
C GLY D 64 0.93 2.11 -8.24
N GLY D 65 1.37 0.95 -7.78
CA GLY D 65 0.77 -0.31 -8.18
C GLY D 65 -0.09 -0.89 -7.08
N ASP D 66 -0.71 -0.01 -6.30
CA ASP D 66 -1.50 -0.40 -5.13
C ASP D 66 -2.68 -1.30 -5.50
N ASP D 67 -3.18 -1.17 -6.73
CA ASP D 67 -4.35 -1.92 -7.17
C ASP D 67 -3.96 -3.17 -7.95
N ILE D 68 -2.67 -3.43 -8.04
CA ILE D 68 -2.18 -4.65 -8.68
C ILE D 68 -2.10 -5.76 -7.64
N LYS D 69 -2.92 -6.79 -7.79
CA LYS D 69 -2.97 -7.86 -6.80
C LYS D 69 -1.76 -8.77 -6.88
N ILE D 70 -1.46 -9.44 -5.77
CA ILE D 70 -0.35 -10.37 -5.73
C ILE D 70 -0.83 -11.80 -5.56
N ALA D 71 -0.63 -12.60 -6.60
CA ALA D 71 -0.97 -14.01 -6.57
C ALA D 71 0.28 -14.84 -6.42
N THR D 72 0.15 -16.04 -5.88
CA THR D 72 1.29 -16.94 -5.76
C THR D 72 0.81 -18.37 -6.00
N VAL D 73 1.72 -19.33 -5.83
CA VAL D 73 1.37 -20.73 -6.08
C VAL D 73 1.73 -21.64 -4.91
N THR D 74 0.94 -22.69 -4.72
CA THR D 74 1.21 -23.68 -3.68
C THR D 74 0.95 -25.08 -4.23
N ASN D 75 1.51 -26.09 -3.56
CA ASN D 75 1.44 -27.47 -4.01
C ASN D 75 1.98 -27.60 -5.42
N PHE D 76 3.00 -26.79 -5.69
CA PHE D 76 3.40 -26.45 -7.05
C PHE D 76 4.83 -26.89 -7.33
N PRO D 77 5.08 -27.40 -8.55
CA PRO D 77 4.11 -27.64 -9.61
C PRO D 77 3.51 -29.05 -9.62
N HIS D 78 4.02 -29.92 -8.76
CA HIS D 78 3.72 -31.35 -8.78
C HIS D 78 2.24 -31.72 -8.60
N GLY D 79 1.53 -31.01 -7.74
CA GLY D 79 0.15 -31.32 -7.44
C GLY D 79 0.00 -32.65 -6.72
N ASN D 80 0.77 -32.84 -5.66
CA ASN D 80 0.70 -34.08 -4.88
C ASN D 80 -0.58 -34.15 -4.07
N ASP D 81 -0.88 -35.33 -3.52
CA ASP D 81 -2.14 -35.56 -2.82
C ASP D 81 -2.02 -35.35 -1.30
N ASP D 82 -0.87 -34.86 -0.86
CA ASP D 82 -0.66 -34.58 0.55
C ASP D 82 -1.37 -33.28 0.96
N ILE D 83 -2.58 -33.42 1.47
CA ILE D 83 -3.41 -32.27 1.85
C ILE D 83 -2.71 -31.38 2.89
N ALA D 84 -2.15 -32.01 3.92
CA ALA D 84 -1.51 -31.30 5.02
C ALA D 84 -0.39 -30.37 4.53
N ILE D 85 0.44 -30.87 3.64
CA ILE D 85 1.53 -30.07 3.08
C ILE D 85 0.98 -28.89 2.28
N ALA D 86 0.00 -29.17 1.44
CA ALA D 86 -0.62 -28.16 0.60
C ALA D 86 -1.33 -27.09 1.43
N VAL D 87 -1.88 -27.52 2.58
CA VAL D 87 -2.54 -26.60 3.49
C VAL D 87 -1.51 -25.67 4.14
N LEU D 88 -0.39 -26.25 4.59
CA LEU D 88 0.69 -25.47 5.19
C LEU D 88 1.22 -24.40 4.25
N GLU D 89 1.49 -24.79 3.02
CA GLU D 89 2.00 -23.86 2.02
C GLU D 89 0.97 -22.77 1.74
N THR D 90 -0.29 -23.16 1.63
CA THR D 90 -1.37 -22.20 1.41
C THR D 90 -1.50 -21.28 2.62
N ARG D 91 -1.35 -21.86 3.81
CA ARG D 91 -1.33 -21.07 5.04
C ARG D 91 -0.20 -20.05 5.00
N ALA D 92 0.97 -20.49 4.51
CA ALA D 92 2.13 -19.62 4.43
C ALA D 92 1.90 -18.54 3.38
N ALA D 93 1.29 -18.92 2.26
CA ALA D 93 0.97 -17.98 1.20
C ALA D 93 0.07 -16.86 1.71
N VAL D 94 -0.94 -17.24 2.48
CA VAL D 94 -1.87 -16.27 3.06
C VAL D 94 -1.14 -15.41 4.09
N ALA D 95 -0.27 -16.05 4.87
CA ALA D 95 0.50 -15.34 5.88
C ALA D 95 1.45 -14.34 5.24
N TYR D 96 2.06 -14.73 4.13
CA TYR D 96 2.89 -13.82 3.35
C TYR D 96 2.07 -12.61 2.86
N GLY D 97 0.75 -12.79 2.81
CA GLY D 97 -0.16 -11.71 2.43
C GLY D 97 -0.66 -11.77 1.01
N ALA D 98 -0.60 -12.96 0.41
CA ALA D 98 -1.03 -13.13 -0.98
C ALA D 98 -2.51 -12.82 -1.14
N ASP D 99 -2.82 -11.97 -2.11
CA ASP D 99 -4.21 -11.65 -2.43
C ASP D 99 -4.91 -12.89 -2.97
N GLU D 100 -4.16 -13.68 -3.71
CA GLU D 100 -4.71 -14.83 -4.43
C GLU D 100 -3.72 -16.00 -4.38
N VAL D 101 -4.24 -17.22 -4.26
CA VAL D 101 -3.41 -18.41 -4.25
C VAL D 101 -3.82 -19.40 -5.33
N ASP D 102 -2.90 -19.70 -6.24
CA ASP D 102 -3.11 -20.73 -7.27
C ASP D 102 -2.55 -22.06 -6.79
N VAL D 103 -3.42 -22.95 -6.31
CA VAL D 103 -3.01 -24.26 -5.82
C VAL D 103 -3.17 -25.29 -6.93
N VAL D 104 -2.24 -26.24 -7.00
CA VAL D 104 -2.31 -27.29 -8.01
C VAL D 104 -3.18 -28.46 -7.55
N PHE D 105 -4.20 -28.75 -8.34
CA PHE D 105 -5.09 -29.88 -8.11
C PHE D 105 -4.31 -31.20 -8.16
N PRO D 106 -4.63 -32.15 -7.28
CA PRO D 106 -3.98 -33.46 -7.36
C PRO D 106 -4.48 -34.25 -8.56
N TYR D 107 -3.96 -33.93 -9.75
CA TYR D 107 -4.49 -34.48 -10.98
C TYR D 107 -4.09 -35.93 -11.23
N ARG D 108 -2.95 -36.35 -10.69
CA ARG D 108 -2.52 -37.74 -10.83
C ARG D 108 -3.44 -38.67 -10.06
N ALA D 109 -3.90 -38.21 -8.89
CA ALA D 109 -4.85 -38.97 -8.08
C ALA D 109 -6.19 -39.12 -8.81
N LEU D 110 -6.60 -38.06 -9.50
CA LEU D 110 -7.85 -38.08 -10.26
C LEU D 110 -7.73 -38.99 -11.48
N MET D 111 -6.51 -39.15 -11.98
CA MET D 111 -6.25 -40.05 -13.10
C MET D 111 -6.21 -41.51 -12.65
N GLU D 112 -5.76 -41.72 -11.41
CA GLU D 112 -5.72 -43.07 -10.84
C GLU D 112 -7.12 -43.52 -10.45
N GLY D 113 -8.02 -42.56 -10.26
CA GLY D 113 -9.41 -42.86 -9.93
C GLY D 113 -9.93 -42.23 -8.66
N ASN D 114 -9.09 -41.43 -7.99
CA ASN D 114 -9.49 -40.81 -6.73
C ASN D 114 -10.03 -39.39 -6.93
N GLU D 115 -11.34 -39.24 -6.79
CA GLU D 115 -11.99 -37.94 -6.90
C GLU D 115 -12.04 -37.23 -5.54
N THR D 116 -12.24 -38.03 -4.48
CA THR D 116 -12.38 -37.51 -3.13
C THR D 116 -11.22 -36.60 -2.70
N VAL D 117 -9.99 -37.09 -2.85
CA VAL D 117 -8.81 -36.34 -2.40
C VAL D 117 -8.69 -35.00 -3.13
N GLY D 118 -9.15 -34.96 -4.38
CA GLY D 118 -9.17 -33.73 -5.14
C GLY D 118 -10.09 -32.71 -4.49
N PHE D 119 -11.33 -33.14 -4.25
CA PHE D 119 -12.33 -32.31 -3.58
C PHE D 119 -11.86 -31.86 -2.19
N GLU D 120 -11.29 -32.78 -1.43
CA GLU D 120 -10.87 -32.49 -0.06
C GLU D 120 -9.71 -31.51 0.00
N LEU D 121 -8.73 -31.70 -0.89
CA LEU D 121 -7.55 -30.84 -0.92
C LEU D 121 -7.95 -29.40 -1.22
N VAL D 122 -8.78 -29.25 -2.25
CA VAL D 122 -9.26 -27.92 -2.64
C VAL D 122 -10.08 -27.29 -1.51
N LYS D 123 -10.93 -28.10 -0.89
CA LYS D 123 -11.76 -27.63 0.23
C LYS D 123 -10.90 -27.18 1.39
N ALA D 124 -9.87 -27.97 1.69
CA ALA D 124 -8.97 -27.68 2.80
C ALA D 124 -8.19 -26.38 2.61
N CYS D 125 -7.72 -26.16 1.38
CA CYS D 125 -6.97 -24.95 1.08
C CYS D 125 -7.88 -23.73 1.03
N LYS D 126 -9.14 -23.96 0.64
CA LYS D 126 -10.14 -22.90 0.61
C LYS D 126 -10.41 -22.36 2.01
N GLU D 127 -10.47 -23.27 2.99
CA GLU D 127 -10.60 -22.86 4.38
C GLU D 127 -9.33 -22.14 4.84
N ALA D 128 -8.18 -22.55 4.28
CA ALA D 128 -6.90 -21.95 4.62
C ALA D 128 -6.76 -20.56 4.02
N CYS D 129 -7.59 -20.23 3.03
CA CYS D 129 -7.54 -18.93 2.39
C CYS D 129 -8.28 -17.87 3.20
N GLY D 130 -9.24 -18.31 4.01
CA GLY D 130 -9.99 -17.41 4.85
C GLY D 130 -11.04 -16.62 4.11
N GLU D 131 -11.16 -15.33 4.44
CA GLU D 131 -12.21 -14.49 3.87
C GLU D 131 -11.66 -13.37 2.97
N ASP D 132 -10.34 -13.20 2.96
CA ASP D 132 -9.73 -12.10 2.22
C ASP D 132 -8.77 -12.57 1.13
N THR D 133 -8.67 -13.88 0.94
CA THR D 133 -7.77 -14.44 -0.05
C THR D 133 -8.52 -15.45 -0.93
N ILE D 134 -8.61 -15.17 -2.23
CA ILE D 134 -9.32 -16.06 -3.14
C ILE D 134 -8.43 -17.20 -3.61
N LEU D 135 -9.05 -18.27 -4.11
CA LEU D 135 -8.34 -19.51 -4.43
C LEU D 135 -8.53 -19.97 -5.87
N LYS D 136 -7.46 -19.89 -6.66
CA LYS D 136 -7.46 -20.46 -8.00
C LYS D 136 -6.97 -21.90 -7.93
N VAL D 137 -7.65 -22.80 -8.62
CA VAL D 137 -7.22 -24.20 -8.67
C VAL D 137 -6.76 -24.58 -10.07
N ILE D 138 -5.50 -24.97 -10.17
CA ILE D 138 -4.91 -25.45 -11.41
C ILE D 138 -5.21 -26.93 -11.58
N ILE D 139 -5.93 -27.29 -12.63
CA ILE D 139 -6.33 -28.69 -12.82
C ILE D 139 -5.41 -29.42 -13.79
N GLU D 140 -4.47 -28.67 -14.39
CA GLU D 140 -3.56 -29.21 -15.40
C GLU D 140 -4.33 -29.92 -16.51
N SER D 141 -5.27 -29.20 -17.12
CA SER D 141 -6.11 -29.74 -18.19
C SER D 141 -5.30 -30.34 -19.35
N GLY D 142 -4.07 -29.85 -19.50
CA GLY D 142 -3.19 -30.34 -20.55
C GLY D 142 -2.73 -31.77 -20.31
N VAL D 143 -2.50 -32.11 -19.04
CA VAL D 143 -2.13 -33.46 -18.67
C VAL D 143 -3.38 -34.33 -18.62
N LEU D 144 -4.50 -33.71 -18.26
CA LEU D 144 -5.78 -34.41 -18.15
C LEU D 144 -6.29 -34.88 -19.51
N ALA D 145 -6.18 -34.01 -20.51
CA ALA D 145 -6.53 -34.32 -21.90
C ALA D 145 -7.98 -34.74 -22.10
N ASP D 146 -8.38 -35.83 -21.44
CA ASP D 146 -9.75 -36.34 -21.51
C ASP D 146 -10.75 -35.27 -21.06
N PRO D 147 -11.67 -34.88 -21.96
CA PRO D 147 -12.72 -33.91 -21.67
C PRO D 147 -13.52 -34.23 -20.41
N ALA D 148 -13.79 -35.51 -20.17
CA ALA D 148 -14.55 -35.94 -19.01
C ALA D 148 -13.80 -35.68 -17.70
N LEU D 149 -12.47 -35.88 -17.73
CA LEU D 149 -11.64 -35.63 -16.56
C LEU D 149 -11.51 -34.14 -16.27
N ILE D 150 -11.56 -33.34 -17.33
CA ILE D 150 -11.43 -31.89 -17.21
C ILE D 150 -12.68 -31.29 -16.58
N ARG D 151 -13.85 -31.75 -17.04
CA ARG D 151 -15.12 -31.36 -16.47
C ARG D 151 -15.22 -31.83 -15.01
N LYS D 152 -14.78 -33.06 -14.77
CA LYS D 152 -14.79 -33.63 -13.42
C LYS D 152 -13.87 -32.85 -12.48
N ALA D 153 -12.71 -32.45 -12.99
CA ALA D 153 -11.76 -31.67 -12.19
C ALA D 153 -12.33 -30.27 -11.91
N SER D 154 -13.00 -29.71 -12.90
CA SER D 154 -13.61 -28.38 -12.77
C SER D 154 -14.78 -28.40 -11.79
N GLU D 155 -15.62 -29.43 -11.89
CA GLU D 155 -16.78 -29.55 -11.02
C GLU D 155 -16.36 -29.79 -9.57
N LEU D 156 -15.45 -30.75 -9.36
CA LEU D 156 -14.93 -31.06 -8.03
C LEU D 156 -14.34 -29.81 -7.36
N SER D 157 -13.64 -29.02 -8.15
CA SER D 157 -12.98 -27.82 -7.63
C SER D 157 -13.98 -26.75 -7.22
N ILE D 158 -14.97 -26.50 -8.09
CA ILE D 158 -15.98 -25.49 -7.81
C ILE D 158 -16.85 -25.89 -6.61
N ASP D 159 -17.25 -27.17 -6.56
CA ASP D 159 -18.01 -27.69 -5.43
C ASP D 159 -17.26 -27.54 -4.11
N ALA D 160 -15.93 -27.59 -4.18
CA ALA D 160 -15.08 -27.47 -3.00
C ALA D 160 -14.86 -26.01 -2.62
N GLY D 161 -15.20 -25.10 -3.52
CA GLY D 161 -15.18 -23.68 -3.21
C GLY D 161 -14.14 -22.86 -3.93
N ALA D 162 -13.61 -23.40 -5.03
CA ALA D 162 -12.64 -22.65 -5.84
C ALA D 162 -13.25 -21.35 -6.36
N ASP D 163 -12.48 -20.28 -6.33
CA ASP D 163 -12.97 -18.99 -6.84
C ASP D 163 -12.62 -18.82 -8.32
N PHE D 164 -11.58 -19.52 -8.74
CA PHE D 164 -11.15 -19.56 -10.14
C PHE D 164 -10.79 -21.00 -10.51
N ILE D 165 -10.92 -21.35 -11.78
CA ILE D 165 -10.35 -22.60 -12.27
C ILE D 165 -9.36 -22.31 -13.39
N LYS D 166 -8.11 -22.73 -13.16
CA LYS D 166 -6.99 -22.39 -14.02
C LYS D 166 -6.59 -23.60 -14.84
N THR D 167 -6.21 -23.36 -16.10
CA THR D 167 -5.87 -24.45 -16.99
C THR D 167 -4.59 -25.17 -16.55
N SER D 168 -3.49 -24.44 -16.49
CA SER D 168 -2.18 -25.09 -16.35
C SER D 168 -1.22 -24.38 -15.42
N THR D 169 -0.23 -25.13 -14.94
CA THR D 169 0.86 -24.58 -14.14
C THR D 169 1.81 -23.75 -15.00
N GLY D 170 1.72 -23.95 -16.31
CA GLY D 170 2.64 -23.31 -17.24
C GLY D 170 3.98 -24.01 -17.19
N LYS D 171 4.02 -25.11 -16.44
CA LYS D 171 5.24 -25.89 -16.29
C LYS D 171 5.14 -27.21 -17.06
N VAL D 172 4.01 -27.43 -17.73
CA VAL D 172 3.84 -28.65 -18.51
C VAL D 172 3.72 -28.34 -20.00
N ALA D 173 3.70 -29.38 -20.83
CA ALA D 173 3.49 -29.19 -22.25
C ALA D 173 2.11 -28.70 -22.70
N VAL D 174 1.02 -29.34 -22.28
CA VAL D 174 -0.29 -28.98 -22.77
C VAL D 174 -0.62 -27.86 -21.83
N ASN D 175 -0.57 -26.64 -22.31
CA ASN D 175 -0.91 -25.48 -21.52
C ASN D 175 -2.35 -25.20 -21.74
N ALA D 176 -2.72 -23.94 -21.82
CA ALA D 176 -4.10 -23.65 -22.12
C ALA D 176 -4.44 -24.04 -23.55
N THR D 177 -5.53 -24.79 -23.74
CA THR D 177 -6.06 -25.10 -25.07
C THR D 177 -7.48 -24.57 -25.18
N LEU D 178 -7.96 -24.40 -26.41
CA LEU D 178 -9.31 -23.91 -26.65
C LEU D 178 -10.35 -24.97 -26.27
N GLU D 179 -9.94 -26.23 -26.36
CA GLU D 179 -10.82 -27.33 -25.97
C GLU D 179 -11.06 -27.33 -24.46
N ALA D 180 -9.99 -27.14 -23.70
CA ALA D 180 -10.10 -27.08 -22.25
C ALA D 180 -10.96 -25.90 -21.81
N ALA D 181 -10.75 -24.75 -22.45
CA ALA D 181 -11.44 -23.52 -22.09
C ALA D 181 -12.95 -23.63 -22.28
N GLU D 182 -13.36 -24.39 -23.30
CA GLU D 182 -14.78 -24.59 -23.56
C GLU D 182 -15.44 -25.38 -22.43
N ILE D 183 -14.83 -26.50 -22.08
CA ILE D 183 -15.34 -27.38 -21.03
C ILE D 183 -15.42 -26.68 -19.67
N MET D 184 -14.33 -26.03 -19.29
CA MET D 184 -14.23 -25.41 -17.98
C MET D 184 -15.19 -24.22 -17.85
N MET D 185 -15.29 -23.40 -18.89
CA MET D 185 -16.21 -22.26 -18.85
C MET D 185 -17.66 -22.68 -19.05
N THR D 186 -17.89 -23.87 -19.61
CA THR D 186 -19.23 -24.42 -19.69
C THR D 186 -19.68 -24.85 -18.30
N VAL D 187 -18.79 -25.49 -17.56
CA VAL D 187 -19.05 -25.92 -16.20
C VAL D 187 -19.36 -24.72 -15.29
N ILE D 188 -18.60 -23.64 -15.48
CA ILE D 188 -18.84 -22.40 -14.76
C ILE D 188 -20.24 -21.86 -15.02
N SER D 189 -20.65 -21.85 -16.29
CA SER D 189 -21.99 -21.39 -16.67
C SER D 189 -23.07 -22.35 -16.17
N GLU D 190 -22.69 -23.60 -15.92
CA GLU D 190 -23.60 -24.59 -15.36
C GLU D 190 -23.73 -24.44 -13.84
N LYS D 191 -22.62 -24.11 -13.20
CA LYS D 191 -22.56 -24.13 -11.74
C LYS D 191 -22.65 -22.73 -11.10
N ASN D 192 -21.74 -21.85 -11.48
CA ASN D 192 -21.65 -20.54 -10.83
C ASN D 192 -20.84 -19.55 -11.65
N PRO D 193 -21.52 -18.61 -12.31
CA PRO D 193 -20.89 -17.57 -13.15
C PRO D 193 -19.98 -16.61 -12.38
N LYS D 194 -20.01 -16.66 -11.05
CA LYS D 194 -19.11 -15.86 -10.24
C LYS D 194 -17.74 -16.51 -10.17
N VAL D 195 -17.67 -17.79 -10.52
CA VAL D 195 -16.41 -18.51 -10.59
C VAL D 195 -15.63 -18.07 -11.82
N GLY D 196 -14.37 -17.68 -11.62
CA GLY D 196 -13.56 -17.18 -12.71
C GLY D 196 -12.84 -18.25 -13.50
N PHE D 197 -12.31 -17.87 -14.65
CA PHE D 197 -11.53 -18.76 -15.50
C PHE D 197 -10.18 -18.12 -15.83
N LYS D 198 -9.13 -18.94 -15.85
CA LYS D 198 -7.79 -18.45 -16.10
C LYS D 198 -6.99 -19.39 -17.02
N PRO D 199 -6.87 -19.02 -18.30
CA PRO D 199 -5.95 -19.76 -19.18
C PRO D 199 -4.51 -19.34 -18.90
N ALA D 200 -3.58 -20.27 -18.98
CA ALA D 200 -2.19 -19.97 -18.63
C ALA D 200 -1.21 -20.77 -19.48
N GLY D 201 -0.21 -20.07 -20.03
CA GLY D 201 0.80 -20.69 -20.86
C GLY D 201 0.28 -21.02 -22.24
N GLY D 202 1.13 -20.83 -23.25
CA GLY D 202 0.75 -21.16 -24.61
C GLY D 202 0.26 -19.97 -25.42
N VAL D 203 -0.61 -19.17 -24.80
CA VAL D 203 -1.17 -17.99 -25.45
C VAL D 203 -0.05 -17.06 -25.88
N LYS D 204 0.22 -17.04 -27.19
CA LYS D 204 1.41 -16.39 -27.72
C LYS D 204 1.21 -14.94 -28.12
N ASP D 205 0.02 -14.62 -28.63
N ASP D 205 0.03 -14.61 -28.65
CA ASP D 205 -0.22 -13.30 -29.21
CA ASP D 205 -0.22 -13.29 -29.21
C ASP D 205 -1.63 -12.78 -28.95
C ASP D 205 -1.62 -12.77 -28.92
N ALA D 206 -1.94 -11.62 -29.51
CA ALA D 206 -3.25 -11.01 -29.39
C ALA D 206 -4.34 -11.89 -30.01
N ALA D 207 -4.01 -12.50 -31.14
CA ALA D 207 -4.94 -13.38 -31.84
C ALA D 207 -5.43 -14.51 -30.93
N ALA D 208 -4.49 -15.19 -30.28
CA ALA D 208 -4.83 -16.28 -29.38
C ALA D 208 -5.68 -15.78 -28.22
N ALA D 209 -5.40 -14.56 -27.77
CA ALA D 209 -6.13 -13.98 -26.65
C ALA D 209 -7.56 -13.62 -27.04
N ALA D 210 -7.76 -13.27 -28.31
CA ALA D 210 -9.09 -12.95 -28.81
C ALA D 210 -9.95 -14.21 -28.90
N GLU D 211 -9.30 -15.34 -29.18
CA GLU D 211 -10.01 -16.62 -29.27
C GLU D 211 -10.60 -17.02 -27.93
N PHE D 212 -9.79 -16.98 -26.89
CA PHE D 212 -10.22 -17.33 -25.55
C PHE D 212 -11.32 -16.40 -25.04
N LEU D 213 -11.12 -15.10 -25.26
CA LEU D 213 -12.10 -14.10 -24.84
C LEU D 213 -13.40 -14.24 -25.62
N GLY D 214 -13.31 -14.73 -26.85
CA GLY D 214 -14.49 -14.96 -27.67
C GLY D 214 -15.31 -16.11 -27.15
N VAL D 215 -14.64 -17.13 -26.63
CA VAL D 215 -15.30 -18.28 -26.03
C VAL D 215 -16.09 -17.85 -24.80
N ALA D 216 -15.47 -17.01 -23.98
CA ALA D 216 -16.12 -16.49 -22.78
C ALA D 216 -17.33 -15.61 -23.12
N ALA D 217 -17.20 -14.83 -24.18
CA ALA D 217 -18.25 -13.91 -24.59
C ALA D 217 -19.50 -14.67 -25.03
N ARG D 218 -19.28 -15.83 -25.64
CA ARG D 218 -20.37 -16.65 -26.15
C ARG D 218 -21.00 -17.52 -25.06
N LEU D 219 -20.16 -18.08 -24.19
CA LEU D 219 -20.63 -19.01 -23.17
C LEU D 219 -21.19 -18.30 -21.94
N LEU D 220 -20.74 -17.08 -21.68
CA LEU D 220 -21.11 -16.38 -20.45
C LEU D 220 -21.55 -14.93 -20.66
N GLY D 221 -21.61 -14.48 -21.91
CA GLY D 221 -22.01 -13.13 -22.21
C GLY D 221 -20.82 -12.23 -22.50
N ASP D 222 -21.06 -11.18 -23.27
CA ASP D 222 -19.98 -10.30 -23.75
C ASP D 222 -19.35 -9.47 -22.63
N ASP D 223 -20.10 -9.22 -21.56
CA ASP D 223 -19.61 -8.40 -20.46
C ASP D 223 -19.16 -9.22 -19.27
N TRP D 224 -19.06 -10.54 -19.45
CA TRP D 224 -18.74 -11.43 -18.33
C TRP D 224 -17.26 -11.39 -17.94
N ALA D 225 -16.39 -11.44 -18.95
CA ALA D 225 -14.95 -11.42 -18.72
C ALA D 225 -14.50 -10.13 -18.04
N THR D 226 -14.23 -10.22 -16.74
CA THR D 226 -13.76 -9.10 -15.95
C THR D 226 -12.55 -9.58 -15.13
N PRO D 227 -11.78 -8.64 -14.55
CA PRO D 227 -10.66 -9.09 -13.70
C PRO D 227 -11.11 -10.03 -12.59
N ALA D 228 -12.36 -9.90 -12.16
CA ALA D 228 -12.91 -10.76 -11.12
C ALA D 228 -13.30 -12.15 -11.65
N THR D 229 -13.32 -12.30 -12.98
CA THR D 229 -13.78 -13.56 -13.57
C THR D 229 -12.84 -14.13 -14.64
N PHE D 230 -11.88 -13.36 -15.10
CA PHE D 230 -11.00 -13.82 -16.17
C PHE D 230 -9.58 -13.28 -16.02
N ARG D 231 -8.60 -14.18 -16.02
CA ARG D 231 -7.20 -13.81 -15.97
C ARG D 231 -6.38 -14.54 -17.03
N PHE D 232 -5.46 -13.81 -17.67
CA PHE D 232 -4.45 -14.45 -18.50
C PHE D 232 -3.20 -14.74 -17.67
N GLY D 233 -2.87 -16.01 -17.51
CA GLY D 233 -1.62 -16.38 -16.87
C GLY D 233 -0.48 -16.32 -17.88
N ALA D 234 0.31 -15.24 -17.81
CA ALA D 234 1.27 -14.96 -18.88
C ALA D 234 2.63 -14.48 -18.36
N SER D 235 3.70 -14.95 -19.01
CA SER D 235 5.05 -14.62 -18.60
C SER D 235 5.87 -14.04 -19.75
N SER D 236 5.39 -14.22 -20.98
CA SER D 236 6.09 -13.71 -22.16
C SER D 236 5.10 -13.23 -23.23
N LEU D 237 3.90 -12.85 -22.79
CA LEU D 237 2.84 -12.43 -23.70
C LEU D 237 2.73 -10.91 -23.75
N LEU D 238 3.10 -10.25 -22.66
CA LEU D 238 2.89 -8.81 -22.51
C LEU D 238 3.57 -8.01 -23.61
N THR D 239 4.80 -8.36 -23.93
CA THR D 239 5.57 -7.66 -24.96
C THR D 239 4.86 -7.70 -26.31
N ASN D 240 4.26 -8.84 -26.64
CA ASN D 240 3.55 -9.00 -27.90
C ASN D 240 2.30 -8.14 -27.98
N LEU D 241 1.56 -8.09 -26.87
CA LEU D 241 0.32 -7.31 -26.81
C LEU D 241 0.60 -5.82 -26.93
N LEU D 242 1.61 -5.34 -26.21
CA LEU D 242 2.00 -3.93 -26.26
C LEU D 242 2.41 -3.51 -27.67
N HIS D 243 3.04 -4.42 -28.40
CA HIS D 243 3.43 -4.18 -29.77
C HIS D 243 2.20 -4.01 -30.66
N THR D 244 1.20 -4.85 -30.44
CA THR D 244 -0.07 -4.75 -31.17
C THR D 244 -0.73 -3.40 -30.93
N LEU D 245 -0.57 -2.89 -29.70
CA LEU D 245 -1.11 -1.59 -29.32
C LEU D 245 -0.20 -0.46 -29.76
N GLU D 246 0.88 -0.82 -30.46
CA GLU D 246 1.86 0.14 -30.98
C GLU D 246 2.50 0.93 -29.84
N LEU D 247 2.90 0.22 -28.79
CA LEU D 247 3.49 0.84 -27.61
C LEU D 247 4.82 0.20 -27.24
N ALA D 248 5.17 -0.90 -27.90
CA ALA D 248 6.44 -1.57 -27.66
C ALA D 248 7.27 -1.64 -28.93
N ASP D 249 8.54 -2.06 -28.78
CA ASP D 249 9.61 -2.01 -29.79
C ASP D 249 10.17 -0.60 -29.91
#